data_4YPO
#
_entry.id   4YPO
#
_cell.length_a   157.697
_cell.length_b   54.797
_cell.length_c   92.230
_cell.angle_alpha   90.00
_cell.angle_beta   123.25
_cell.angle_gamma   90.00
#
_symmetry.space_group_name_H-M   'C 1 2 1'
#
loop_
_entity.id
_entity.type
_entity.pdbx_description
1 polymer 'Ketol-acid reductoisomerase'
2 non-polymer 'MAGNESIUM ION'
3 non-polymer 'CHLORIDE ION'
4 non-polymer 'SODIUM ION'
5 water water
#
_entity_poly.entity_id   1
_entity_poly.type   'polypeptide(L)'
_entity_poly.pdbx_seq_one_letter_code
;MFYDDDADLSIIQGRKVGVIGYGSQGHAHSLSLRDSGVQVRVGLKQGSRSRPKVEEQGLDVDTPAEVAKWADVVMVLAPD
TAQAEIFAGDIEPNLKPGDALFFGHGLNVHFGLIKPPADVAVAMVAPKGPGHLVRRQFVDGKGVPCLVAVEQDPRGDGLA
LALSYAKAIGGTRAGVIKTTFKDETETDLFGEQTVLCGGTEELVKAGFEVMVEAGYPAELAYFEVLHELKLIVDLMYEGG
LARMYYSVSDTAEFGGYLSGPRVIDAGTKERMRDILREIQDGSFVHKLVADVEGGNKQLEELRRQNAEHPIEVVGKKLRD
LMSWVDRPITETA
;
_entity_poly.pdbx_strand_id   A,B
#
loop_
_chem_comp.id
_chem_comp.type
_chem_comp.name
_chem_comp.formula
CL non-polymer 'CHLORIDE ION' 'Cl -1'
MG non-polymer 'MAGNESIUM ION' 'Mg 2'
NA non-polymer 'SODIUM ION' 'Na 1'
#
# COMPACT_ATOMS: atom_id res chain seq x y z
N MET A 1 -17.37 -4.98 21.29
CA MET A 1 -17.63 -3.90 20.30
C MET A 1 -19.05 -3.36 20.43
N PHE A 2 -19.22 -2.09 20.08
CA PHE A 2 -20.50 -1.40 20.20
C PHE A 2 -21.06 -1.15 18.80
N TYR A 3 -22.35 -1.40 18.65
CA TYR A 3 -23.06 -1.28 17.38
C TYR A 3 -24.22 -0.29 17.54
N ASP A 4 -25.02 -0.15 16.48
CA ASP A 4 -26.09 0.85 16.47
C ASP A 4 -27.00 0.70 17.68
N ASP A 5 -27.36 -0.54 18.03
CA ASP A 5 -28.29 -0.77 19.13
C ASP A 5 -27.69 -0.45 20.50
N ASP A 6 -26.39 -0.20 20.57
CA ASP A 6 -25.74 0.16 21.82
C ASP A 6 -25.63 1.66 22.01
N ALA A 7 -26.11 2.45 21.06
CA ALA A 7 -25.94 3.90 21.08
C ALA A 7 -27.28 4.58 20.84
N ASP A 8 -27.46 5.72 21.49
CA ASP A 8 -28.72 6.46 21.45
C ASP A 8 -28.45 7.79 20.76
N LEU A 9 -28.91 7.92 19.51
CA LEU A 9 -28.63 9.10 18.70
C LEU A 9 -29.27 10.34 19.29
N SER A 10 -30.34 10.20 20.06
CA SER A 10 -31.00 11.37 20.60
C SER A 10 -30.11 12.13 21.57
N ILE A 11 -29.09 11.49 22.14
CA ILE A 11 -28.23 12.19 23.07
C ILE A 11 -27.47 13.30 22.35
N ILE A 12 -26.69 12.95 21.32
CA ILE A 12 -25.94 13.96 20.59
C ILE A 12 -26.86 14.92 19.86
N GLN A 13 -28.03 14.45 19.41
CA GLN A 13 -28.98 15.37 18.77
C GLN A 13 -29.43 16.48 19.70
N GLY A 14 -29.37 16.25 21.00
CA GLY A 14 -29.72 17.26 21.97
C GLY A 14 -28.59 18.16 22.41
N ARG A 15 -27.41 18.04 21.81
CA ARG A 15 -26.24 18.82 22.18
C ARG A 15 -25.81 19.70 21.02
N LYS A 16 -25.37 20.92 21.35
CA LYS A 16 -24.72 21.79 20.38
C LYS A 16 -23.29 21.32 20.22
N VAL A 17 -22.88 21.01 18.99
CA VAL A 17 -21.57 20.44 18.72
C VAL A 17 -20.75 21.45 17.94
N GLY A 18 -19.60 21.81 18.49
CA GLY A 18 -18.62 22.62 17.80
C GLY A 18 -17.49 21.73 17.29
N VAL A 19 -17.16 21.88 16.02
CA VAL A 19 -16.05 21.16 15.40
C VAL A 19 -14.95 22.17 15.12
N ILE A 20 -13.83 22.06 15.82
CA ILE A 20 -12.70 22.96 15.66
C ILE A 20 -11.79 22.37 14.60
N GLY A 21 -11.65 23.07 13.48
CA GLY A 21 -10.87 22.58 12.36
C GLY A 21 -11.75 22.05 11.23
N TYR A 22 -11.21 22.13 10.02
CA TYR A 22 -11.95 21.71 8.82
C TYR A 22 -11.02 21.03 7.83
N GLY A 23 -10.08 20.24 8.34
CA GLY A 23 -9.37 19.27 7.53
C GLY A 23 -10.26 18.10 7.19
N SER A 24 -9.66 17.00 6.74
N SER A 24 -9.65 17.00 6.75
CA SER A 24 -10.43 15.88 6.25
CA SER A 24 -10.40 15.86 6.25
C SER A 24 -11.43 15.38 7.29
C SER A 24 -11.41 15.34 7.27
N GLN A 25 -10.99 15.21 8.54
CA GLN A 25 -11.91 14.71 9.56
C GLN A 25 -12.94 15.76 9.94
N GLY A 26 -12.52 16.99 10.16
CA GLY A 26 -13.48 18.02 10.54
C GLY A 26 -14.57 18.18 9.49
N HIS A 27 -14.19 18.12 8.23
CA HIS A 27 -15.16 18.17 7.13
C HIS A 27 -16.13 16.99 7.20
N ALA A 28 -15.61 15.77 7.32
CA ALA A 28 -16.47 14.59 7.35
C ALA A 28 -17.39 14.60 8.57
N HIS A 29 -16.85 14.91 9.75
CA HIS A 29 -17.67 14.89 10.96
C HIS A 29 -18.76 15.94 10.90
N SER A 30 -18.41 17.17 10.51
CA SER A 30 -19.38 18.27 10.56
CA SER A 30 -19.39 18.25 10.60
C SER A 30 -20.57 17.99 9.67
N LEU A 31 -20.32 17.55 8.44
CA LEU A 31 -21.41 17.29 7.51
C LEU A 31 -22.26 16.12 7.96
N SER A 32 -21.64 15.09 8.51
CA SER A 32 -22.39 13.91 8.90
C SER A 32 -23.20 14.16 10.17
N LEU A 33 -22.62 14.87 11.15
CA LEU A 33 -23.38 15.30 12.32
C LEU A 33 -24.63 16.06 11.91
N ARG A 34 -24.48 17.02 10.98
CA ARG A 34 -25.64 17.79 10.55
C ARG A 34 -26.69 16.89 9.91
N ASP A 35 -26.26 15.98 9.03
CA ASP A 35 -27.20 15.05 8.41
C ASP A 35 -27.94 14.23 9.46
N SER A 36 -27.29 13.93 10.58
CA SER A 36 -27.87 13.15 11.66
C SER A 36 -28.68 14.00 12.63
N GLY A 37 -28.97 15.25 12.29
CA GLY A 37 -29.86 16.05 13.10
C GLY A 37 -29.21 16.78 14.25
N VAL A 38 -27.90 16.97 14.22
CA VAL A 38 -27.16 17.67 15.25
C VAL A 38 -26.95 19.12 14.82
N GLN A 39 -27.10 20.04 15.76
CA GLN A 39 -26.78 21.45 15.52
C GLN A 39 -25.26 21.61 15.62
N VAL A 40 -24.62 21.99 14.50
N VAL A 40 -24.62 21.98 14.52
CA VAL A 40 -23.17 22.04 14.36
CA VAL A 40 -23.16 22.01 14.44
C VAL A 40 -22.74 23.46 14.05
C VAL A 40 -22.69 23.38 13.99
N ARG A 41 -21.60 23.85 14.59
CA ARG A 41 -20.86 25.02 14.13
C ARG A 41 -19.40 24.64 14.02
N VAL A 42 -18.72 25.21 13.03
CA VAL A 42 -17.30 24.95 12.79
C VAL A 42 -16.50 26.12 13.34
N GLY A 43 -15.43 25.82 14.06
CA GLY A 43 -14.55 26.83 14.62
C GLY A 43 -13.28 26.97 13.83
N LEU A 44 -13.08 28.17 13.26
CA LEU A 44 -11.90 28.50 12.47
C LEU A 44 -11.55 29.95 12.75
N LYS A 45 -10.26 30.28 12.78
CA LYS A 45 -9.87 31.67 12.90
C LYS A 45 -10.42 32.48 11.72
N GLN A 46 -10.52 33.80 11.91
CA GLN A 46 -11.20 34.63 10.93
C GLN A 46 -10.55 34.55 9.55
N GLY A 47 -9.22 34.47 9.49
CA GLY A 47 -8.52 34.44 8.24
C GLY A 47 -8.33 33.06 7.63
N SER A 48 -8.97 32.03 8.17
CA SER A 48 -8.72 30.68 7.70
C SER A 48 -9.10 30.51 6.23
N ARG A 49 -8.23 29.82 5.50
CA ARG A 49 -8.49 29.49 4.10
C ARG A 49 -9.74 28.63 3.94
N SER A 50 -10.13 27.90 4.98
CA SER A 50 -11.26 27.00 4.90
C SER A 50 -12.61 27.69 5.08
N ARG A 51 -12.65 28.92 5.60
CA ARG A 51 -13.95 29.53 5.92
C ARG A 51 -14.89 29.56 4.71
N PRO A 52 -14.47 29.97 3.51
CA PRO A 52 -15.42 30.03 2.40
C PRO A 52 -16.01 28.67 2.05
N LYS A 53 -15.23 27.60 2.25
CA LYS A 53 -15.70 26.27 1.92
C LYS A 53 -16.74 25.80 2.92
N VAL A 54 -16.51 26.04 4.22
CA VAL A 54 -17.50 25.72 5.24
C VAL A 54 -18.82 26.39 4.88
N GLU A 55 -18.76 27.67 4.55
CA GLU A 55 -19.97 28.43 4.28
C GLU A 55 -20.66 27.92 3.01
N GLU A 56 -19.88 27.53 2.00
CA GLU A 56 -20.48 27.00 0.78
C GLU A 56 -21.23 25.70 1.05
N GLN A 57 -20.80 24.95 2.04
CA GLN A 57 -21.50 23.73 2.40
C GLN A 57 -22.68 23.98 3.35
N GLY A 58 -23.01 25.25 3.60
CA GLY A 58 -24.18 25.61 4.37
C GLY A 58 -23.97 25.60 5.86
N LEU A 59 -22.75 25.34 6.32
CA LEU A 59 -22.45 25.28 7.73
C LEU A 59 -22.11 26.66 8.26
N ASP A 60 -22.44 26.89 9.53
CA ASP A 60 -22.06 28.11 10.20
C ASP A 60 -20.63 28.01 10.73
N VAL A 61 -19.89 29.10 10.63
N VAL A 61 -19.89 29.10 10.55
CA VAL A 61 -18.51 29.13 11.09
CA VAL A 61 -18.53 29.24 11.08
C VAL A 61 -18.28 30.34 11.98
C VAL A 61 -18.55 30.28 12.19
N ASP A 62 -17.62 30.12 13.12
CA ASP A 62 -17.26 31.15 14.07
C ASP A 62 -15.84 30.86 14.52
N THR A 63 -15.29 31.73 15.37
CA THR A 63 -13.94 31.47 15.86
C THR A 63 -13.95 30.30 16.84
N PRO A 64 -12.80 29.66 17.08
CA PRO A 64 -12.77 28.58 18.08
C PRO A 64 -13.27 29.02 19.45
N ALA A 65 -12.97 30.25 19.88
CA ALA A 65 -13.43 30.71 21.18
C ALA A 65 -14.94 30.88 21.21
N GLU A 66 -15.51 31.42 20.14
CA GLU A 66 -16.97 31.57 20.07
C GLU A 66 -17.65 30.22 20.08
N VAL A 67 -17.11 29.26 19.32
CA VAL A 67 -17.72 27.95 19.24
C VAL A 67 -17.61 27.23 20.58
N ALA A 68 -16.46 27.36 21.26
CA ALA A 68 -16.32 26.72 22.56
C ALA A 68 -17.31 27.28 23.57
N LYS A 69 -17.53 28.59 23.55
CA LYS A 69 -18.51 29.16 24.48
C LYS A 69 -19.92 28.67 24.17
N TRP A 70 -20.27 28.58 22.88
CA TRP A 70 -21.61 28.20 22.46
C TRP A 70 -21.91 26.71 22.66
N ALA A 71 -20.91 25.86 22.44
CA ALA A 71 -21.14 24.44 22.30
C ALA A 71 -21.27 23.74 23.65
N ASP A 72 -21.95 22.59 23.61
CA ASP A 72 -21.94 21.62 24.70
C ASP A 72 -20.86 20.57 24.51
N VAL A 73 -20.48 20.28 23.26
CA VAL A 73 -19.45 19.32 22.91
C VAL A 73 -18.52 20.04 21.97
N VAL A 74 -17.23 20.08 22.30
CA VAL A 74 -16.22 20.76 21.49
C VAL A 74 -15.28 19.68 20.98
N MET A 75 -15.36 19.37 19.69
CA MET A 75 -14.53 18.34 19.06
C MET A 75 -13.34 19.04 18.40
N VAL A 76 -12.14 18.69 18.83
CA VAL A 76 -10.91 19.34 18.38
C VAL A 76 -10.27 18.49 17.30
N LEU A 77 -10.28 19.00 16.06
CA LEU A 77 -9.74 18.30 14.90
C LEU A 77 -8.78 19.21 14.13
N ALA A 78 -8.16 20.14 14.84
CA ALA A 78 -7.07 20.94 14.30
C ALA A 78 -5.79 20.11 14.24
N PRO A 79 -4.79 20.56 13.49
CA PRO A 79 -3.55 19.78 13.42
C PRO A 79 -2.94 19.53 14.79
N ASP A 80 -2.35 18.33 14.92
CA ASP A 80 -1.78 17.86 16.18
C ASP A 80 -0.97 18.91 16.93
N THR A 81 -0.01 19.52 16.25
CA THR A 81 0.91 20.42 16.92
C THR A 81 0.34 21.82 17.14
N ALA A 82 -0.84 22.10 16.60
CA ALA A 82 -1.50 23.39 16.79
C ALA A 82 -2.51 23.37 17.93
N GLN A 83 -2.89 22.18 18.41
CA GLN A 83 -4.02 22.10 19.33
C GLN A 83 -3.75 22.77 20.66
N ALA A 84 -2.51 22.68 21.17
CA ALA A 84 -2.24 23.20 22.50
C ALA A 84 -2.46 24.70 22.56
N GLU A 85 -2.04 25.42 21.51
CA GLU A 85 -2.20 26.87 21.47
C GLU A 85 -3.68 27.26 21.30
N ILE A 86 -4.42 26.53 20.46
CA ILE A 86 -5.86 26.77 20.36
C ILE A 86 -6.53 26.51 21.70
N PHE A 87 -6.14 25.42 22.36
CA PHE A 87 -6.73 25.12 23.65
C PHE A 87 -6.46 26.25 24.65
N ALA A 88 -5.19 26.64 24.79
CA ALA A 88 -4.85 27.61 25.83
C ALA A 88 -5.46 28.97 25.54
N GLY A 89 -5.45 29.40 24.29
CA GLY A 89 -5.92 30.71 23.93
C GLY A 89 -7.42 30.84 23.74
N ASP A 90 -8.06 29.80 23.20
CA ASP A 90 -9.44 29.90 22.75
C ASP A 90 -10.41 29.00 23.48
N ILE A 91 -10.04 27.75 23.74
N ILE A 91 -10.04 27.75 23.73
CA ILE A 91 -10.99 26.80 24.30
CA ILE A 91 -10.97 26.78 24.29
C ILE A 91 -11.04 26.90 25.82
C ILE A 91 -11.03 26.89 25.80
N GLU A 92 -9.88 26.79 26.46
CA GLU A 92 -9.83 26.75 27.92
C GLU A 92 -10.57 27.91 28.58
N PRO A 93 -10.42 29.16 28.13
CA PRO A 93 -11.12 30.26 28.83
C PRO A 93 -12.63 30.23 28.64
N ASN A 94 -13.13 29.39 27.75
CA ASN A 94 -14.54 29.39 27.38
C ASN A 94 -15.28 28.10 27.71
N LEU A 95 -14.57 27.07 28.17
CA LEU A 95 -15.26 25.87 28.62
C LEU A 95 -16.14 26.18 29.80
N LYS A 96 -17.29 25.53 29.84
CA LYS A 96 -18.29 25.67 30.87
C LYS A 96 -18.41 24.35 31.61
N PRO A 97 -18.72 24.38 32.91
CA PRO A 97 -18.81 23.11 33.65
C PRO A 97 -19.87 22.22 33.03
N GLY A 98 -19.50 20.97 32.80
CA GLY A 98 -20.37 20.01 32.17
C GLY A 98 -20.23 19.91 30.68
N ASP A 99 -19.42 20.78 30.06
CA ASP A 99 -19.09 20.59 28.66
C ASP A 99 -18.31 19.28 28.47
N ALA A 100 -18.25 18.84 27.21
CA ALA A 100 -17.43 17.71 26.82
C ALA A 100 -16.41 18.18 25.79
N LEU A 101 -15.16 17.82 26.03
CA LEU A 101 -14.04 18.14 25.15
C LEU A 101 -13.64 16.85 24.46
N PHE A 102 -13.85 16.80 23.14
CA PHE A 102 -13.60 15.61 22.33
C PHE A 102 -12.39 15.83 21.45
N PHE A 103 -11.72 14.73 21.14
CA PHE A 103 -10.56 14.72 20.26
C PHE A 103 -10.71 13.56 19.27
N GLY A 104 -9.92 13.64 18.20
CA GLY A 104 -9.78 12.55 17.25
C GLY A 104 -8.58 11.66 17.47
N HIS A 105 -7.69 12.04 18.39
CA HIS A 105 -6.51 11.25 18.74
C HIS A 105 -6.15 11.56 20.19
N GLY A 106 -5.35 10.69 20.79
CA GLY A 106 -5.05 10.82 22.21
C GLY A 106 -3.82 11.63 22.56
N LEU A 107 -3.05 12.09 21.57
CA LEU A 107 -1.72 12.61 21.83
C LEU A 107 -1.71 13.78 22.81
N ASN A 108 -2.50 14.82 22.53
CA ASN A 108 -2.35 16.06 23.28
C ASN A 108 -2.68 15.86 24.75
N VAL A 109 -3.77 15.14 25.04
CA VAL A 109 -4.14 14.90 26.43
C VAL A 109 -3.19 13.92 27.08
N HIS A 110 -2.87 12.83 26.39
CA HIS A 110 -2.07 11.79 27.03
C HIS A 110 -0.71 12.33 27.46
N PHE A 111 -0.07 13.12 26.60
CA PHE A 111 1.26 13.63 26.89
C PHE A 111 1.26 14.96 27.64
N GLY A 112 0.09 15.45 28.04
CA GLY A 112 0.02 16.65 28.86
C GLY A 112 0.18 17.94 28.12
N LEU A 113 0.14 17.93 26.79
CA LEU A 113 0.18 19.18 26.03
C LEU A 113 -1.09 19.99 26.22
N ILE A 114 -2.21 19.30 26.43
CA ILE A 114 -3.46 19.90 26.85
C ILE A 114 -3.81 19.25 28.19
N LYS A 115 -4.09 20.09 29.19
CA LYS A 115 -4.48 19.63 30.52
C LYS A 115 -5.92 20.08 30.76
N PRO A 116 -6.91 19.25 30.45
CA PRO A 116 -8.29 19.69 30.58
C PRO A 116 -8.65 19.97 32.02
N PRO A 117 -9.56 20.91 32.27
CA PRO A 117 -10.03 21.15 33.63
C PRO A 117 -10.89 20.00 34.13
N ALA A 118 -11.04 19.95 35.45
CA ALA A 118 -11.79 18.87 36.07
C ALA A 118 -13.28 18.94 35.79
N ASP A 119 -13.79 20.10 35.38
CA ASP A 119 -15.23 20.29 35.24
C ASP A 119 -15.78 19.90 33.88
N VAL A 120 -14.98 19.25 33.00
CA VAL A 120 -15.46 18.82 31.70
C VAL A 120 -15.21 17.33 31.51
N ALA A 121 -16.04 16.70 30.68
CA ALA A 121 -15.75 15.38 30.16
C ALA A 121 -14.67 15.49 29.09
N VAL A 122 -13.91 14.40 28.91
CA VAL A 122 -12.85 14.34 27.91
C VAL A 122 -12.97 12.99 27.22
N ALA A 123 -13.14 13.01 25.90
CA ALA A 123 -13.37 11.77 25.16
C ALA A 123 -12.76 11.87 23.79
N MET A 124 -12.73 10.72 23.10
CA MET A 124 -12.13 10.60 21.78
C MET A 124 -13.05 9.77 20.91
N VAL A 125 -13.21 10.20 19.66
CA VAL A 125 -13.84 9.41 18.61
C VAL A 125 -12.90 9.45 17.42
N ALA A 126 -12.35 8.30 17.04
CA ALA A 126 -11.30 8.20 16.03
C ALA A 126 -11.71 7.20 14.96
N PRO A 127 -12.23 7.65 13.82
CA PRO A 127 -12.58 6.72 12.74
C PRO A 127 -11.32 6.13 12.12
N LYS A 128 -11.39 4.85 11.79
CA LYS A 128 -10.24 4.15 11.23
C LYS A 128 -10.30 4.17 9.69
N GLY A 129 -10.32 5.39 9.17
CA GLY A 129 -10.20 5.62 7.75
C GLY A 129 -10.08 7.11 7.51
N PRO A 130 -9.68 7.49 6.30
CA PRO A 130 -9.59 8.91 5.97
C PRO A 130 -10.96 9.56 5.91
N GLY A 131 -10.97 10.88 6.11
CA GLY A 131 -12.23 11.61 6.18
C GLY A 131 -13.11 11.38 4.97
N HIS A 132 -12.52 11.37 3.78
CA HIS A 132 -13.32 11.17 2.57
C HIS A 132 -14.08 9.85 2.65
N LEU A 133 -13.45 8.82 3.19
CA LEU A 133 -14.12 7.52 3.30
C LEU A 133 -15.17 7.53 4.40
N VAL A 134 -14.86 8.17 5.53
CA VAL A 134 -15.85 8.30 6.60
C VAL A 134 -17.13 8.91 6.04
N ARG A 135 -16.97 9.99 5.28
CA ARG A 135 -18.13 10.69 4.74
C ARG A 135 -18.84 9.86 3.68
N ARG A 136 -18.07 9.28 2.74
CA ARG A 136 -18.68 8.50 1.67
C ARG A 136 -19.48 7.34 2.21
N GLN A 137 -18.91 6.59 3.17
CA GLN A 137 -19.65 5.47 3.73
C GLN A 137 -20.90 5.96 4.44
N PHE A 138 -20.78 7.02 5.23
CA PHE A 138 -21.95 7.55 5.93
C PHE A 138 -23.06 7.89 4.95
N VAL A 139 -22.73 8.60 3.87
CA VAL A 139 -23.75 9.05 2.93
C VAL A 139 -24.44 7.85 2.29
N ASP A 140 -23.70 6.75 2.10
CA ASP A 140 -24.25 5.55 1.50
C ASP A 140 -24.93 4.64 2.52
N GLY A 141 -25.22 5.13 3.72
CA GLY A 141 -25.91 4.36 4.73
C GLY A 141 -25.05 3.37 5.48
N LYS A 142 -23.74 3.49 5.38
CA LYS A 142 -22.80 2.57 6.03
C LYS A 142 -21.88 3.37 6.94
N GLY A 143 -20.76 2.79 7.36
CA GLY A 143 -19.88 3.49 8.27
C GLY A 143 -18.47 2.94 8.23
N VAL A 144 -17.59 3.71 8.84
CA VAL A 144 -16.20 3.31 9.08
C VAL A 144 -16.06 3.01 10.58
N PRO A 145 -15.46 1.89 10.97
CA PRO A 145 -15.32 1.60 12.40
C PRO A 145 -14.53 2.68 13.09
N CYS A 146 -14.84 2.89 14.38
CA CYS A 146 -14.20 3.93 15.18
C CYS A 146 -13.66 3.37 16.47
N LEU A 147 -12.61 4.01 16.97
CA LEU A 147 -12.21 3.88 18.36
C LEU A 147 -12.88 4.96 19.18
N VAL A 148 -13.27 4.62 20.41
N VAL A 148 -13.23 4.60 20.42
CA VAL A 148 -13.74 5.62 21.36
CA VAL A 148 -13.76 5.52 21.40
C VAL A 148 -13.01 5.42 22.68
C VAL A 148 -12.90 5.42 22.65
N ALA A 149 -12.76 6.53 23.36
CA ALA A 149 -12.14 6.49 24.69
C ALA A 149 -12.78 7.58 25.53
N VAL A 150 -12.86 7.35 26.83
CA VAL A 150 -13.35 8.34 27.77
C VAL A 150 -12.29 8.51 28.86
N GLU A 151 -11.65 9.67 28.85
CA GLU A 151 -10.54 9.95 29.77
C GLU A 151 -11.00 10.64 31.05
N GLN A 152 -12.03 11.48 30.97
N GLN A 152 -12.10 11.38 31.00
CA GLN A 152 -12.64 12.11 32.14
CA GLN A 152 -12.60 12.09 32.16
C GLN A 152 -14.15 12.03 31.98
C GLN A 152 -14.13 12.17 32.04
N ASP A 153 -14.85 11.77 33.08
CA ASP A 153 -16.29 11.50 32.98
C ASP A 153 -17.04 12.03 34.20
N PRO A 154 -16.99 13.34 34.48
CA PRO A 154 -17.57 13.84 35.73
C PRO A 154 -19.09 13.88 35.74
N ARG A 155 -19.75 13.77 34.59
CA ARG A 155 -21.22 13.67 34.57
C ARG A 155 -21.72 12.25 34.39
N GLY A 156 -20.80 11.28 34.22
CA GLY A 156 -21.15 9.89 34.17
C GLY A 156 -21.74 9.39 32.85
N ASP A 157 -21.94 10.26 31.86
CA ASP A 157 -22.54 9.87 30.59
C ASP A 157 -21.58 10.02 29.43
N GLY A 158 -20.27 10.09 29.72
CA GLY A 158 -19.31 10.34 28.67
C GLY A 158 -19.30 9.27 27.59
N LEU A 159 -19.36 7.99 28.01
CA LEU A 159 -19.35 6.92 27.00
C LEU A 159 -20.62 6.96 26.16
N ALA A 160 -21.79 7.13 26.79
CA ALA A 160 -23.02 7.21 26.03
C ALA A 160 -22.98 8.39 25.05
N LEU A 161 -22.41 9.51 25.49
CA LEU A 161 -22.29 10.68 24.62
C LEU A 161 -21.34 10.40 23.45
N ALA A 162 -20.19 9.79 23.73
CA ALA A 162 -19.24 9.48 22.66
C ALA A 162 -19.80 8.46 21.70
N LEU A 163 -20.53 7.46 22.20
CA LEU A 163 -21.14 6.48 21.30
C LEU A 163 -22.24 7.12 20.46
N SER A 164 -22.97 8.07 21.03
CA SER A 164 -24.00 8.78 20.28
C SER A 164 -23.37 9.60 19.16
N TYR A 165 -22.27 10.29 19.46
CA TYR A 165 -21.51 11.01 18.44
C TYR A 165 -21.05 10.05 17.34
N ALA A 166 -20.46 8.91 17.73
CA ALA A 166 -20.02 7.94 16.74
C ALA A 166 -21.18 7.48 15.86
N LYS A 167 -22.33 7.22 16.47
CA LYS A 167 -23.49 6.82 15.68
C LYS A 167 -23.89 7.89 14.68
N ALA A 168 -23.77 9.16 15.07
CA ALA A 168 -24.14 10.27 14.21
C ALA A 168 -23.18 10.44 13.03
N ILE A 169 -21.98 9.87 13.08
CA ILE A 169 -21.07 9.89 11.93
C ILE A 169 -20.95 8.52 11.27
N GLY A 170 -21.80 7.55 11.68
CA GLY A 170 -21.85 6.25 11.05
C GLY A 170 -20.99 5.19 11.69
N GLY A 171 -20.21 5.52 12.72
CA GLY A 171 -19.22 4.59 13.23
C GLY A 171 -19.80 3.32 13.80
N THR A 172 -20.96 3.42 14.47
CA THR A 172 -21.57 2.24 15.06
C THR A 172 -22.21 1.33 14.01
N ARG A 173 -22.42 1.81 12.79
CA ARG A 173 -22.90 0.94 11.72
C ARG A 173 -21.90 -0.18 11.44
N ALA A 174 -20.61 0.15 11.50
CA ALA A 174 -19.54 -0.81 11.30
C ALA A 174 -19.11 -1.44 12.61
N GLY A 175 -18.92 -0.63 13.64
CA GLY A 175 -18.50 -1.10 14.94
C GLY A 175 -17.55 -0.15 15.62
N VAL A 176 -17.72 -0.01 16.93
CA VAL A 176 -16.88 0.86 17.75
C VAL A 176 -16.14 0.02 18.78
N ILE A 177 -14.84 0.25 18.89
CA ILE A 177 -13.97 -0.39 19.87
C ILE A 177 -13.62 0.62 20.94
N LYS A 178 -13.84 0.28 22.20
CA LYS A 178 -13.42 1.13 23.30
C LYS A 178 -11.95 0.89 23.64
N THR A 179 -11.22 1.98 23.82
CA THR A 179 -9.81 1.93 24.20
C THR A 179 -9.54 3.09 25.16
N THR A 180 -8.27 3.47 25.26
CA THR A 180 -7.84 4.59 26.08
C THR A 180 -7.06 5.58 25.24
N PHE A 181 -6.95 6.81 25.73
CA PHE A 181 -6.11 7.80 25.07
C PHE A 181 -4.67 7.30 24.97
N LYS A 182 -4.17 6.71 26.06
CA LYS A 182 -2.81 6.20 26.10
C LYS A 182 -2.58 5.16 25.00
N ASP A 183 -3.46 4.16 24.92
CA ASP A 183 -3.24 3.10 23.95
C ASP A 183 -3.38 3.60 22.53
N GLU A 184 -4.38 4.46 22.27
CA GLU A 184 -4.54 4.98 20.92
C GLU A 184 -3.29 5.72 20.48
N THR A 185 -2.74 6.59 21.31
CA THR A 185 -1.66 7.43 20.82
C THR A 185 -0.34 6.68 20.79
N GLU A 186 -0.08 5.83 21.78
CA GLU A 186 1.19 5.12 21.80
C GLU A 186 1.28 4.13 20.63
N THR A 187 0.18 3.41 20.35
CA THR A 187 0.19 2.51 19.19
C THR A 187 0.25 3.30 17.88
N ASP A 188 -0.43 4.45 17.81
CA ASP A 188 -0.40 5.25 16.58
C ASP A 188 1.02 5.70 16.27
N LEU A 189 1.66 6.36 17.24
N LEU A 189 1.67 6.34 17.24
CA LEU A 189 3.02 6.84 17.04
CA LEU A 189 3.02 6.84 17.03
C LEU A 189 3.95 5.69 16.72
C LEU A 189 3.99 5.71 16.75
N PHE A 190 3.82 4.60 17.45
CA PHE A 190 4.70 3.46 17.23
C PHE A 190 4.58 2.94 15.80
N GLY A 191 3.36 2.75 15.34
CA GLY A 191 3.16 2.25 13.99
C GLY A 191 3.66 3.23 12.94
N GLU A 192 3.42 4.52 13.14
CA GLU A 192 3.91 5.53 12.21
C GLU A 192 5.41 5.47 12.08
N GLN A 193 6.09 5.37 13.22
CA GLN A 193 7.53 5.44 13.24
C GLN A 193 8.19 4.18 12.71
N THR A 194 7.73 3.02 13.15
CA THR A 194 8.41 1.79 12.82
C THR A 194 8.00 1.21 11.47
N VAL A 195 6.79 1.53 11.00
CA VAL A 195 6.25 0.90 9.80
C VAL A 195 5.76 1.93 8.78
N LEU A 196 4.77 2.74 9.13
CA LEU A 196 4.01 3.47 8.11
C LEU A 196 4.83 4.56 7.45
N CYS A 197 5.54 5.35 8.24
CA CYS A 197 6.20 6.56 7.76
C CYS A 197 7.71 6.54 7.97
N GLY A 198 8.23 5.54 8.68
CA GLY A 198 9.65 5.36 8.87
C GLY A 198 10.14 4.08 8.21
N GLY A 199 9.80 2.95 8.81
CA GLY A 199 10.41 1.69 8.39
C GLY A 199 10.18 1.33 6.93
N THR A 200 8.93 1.39 6.46
CA THR A 200 8.67 0.95 5.08
C THR A 200 9.43 1.80 4.09
N GLU A 201 9.44 3.12 4.31
CA GLU A 201 10.12 4.01 3.38
C GLU A 201 11.62 3.75 3.38
N GLU A 202 12.20 3.55 4.56
CA GLU A 202 13.63 3.26 4.63
C GLU A 202 13.96 1.90 4.00
N LEU A 203 13.05 0.96 4.08
N LEU A 203 13.08 0.91 4.15
CA LEU A 203 13.24 -0.34 3.46
CA LEU A 203 13.25 -0.36 3.44
C LEU A 203 13.22 -0.23 1.94
C LEU A 203 13.31 -0.12 1.94
N VAL A 204 12.29 0.57 1.41
CA VAL A 204 12.23 0.87 -0.02
C VAL A 204 13.51 1.57 -0.47
N LYS A 205 13.91 2.61 0.26
CA LYS A 205 15.12 3.36 -0.10
C LYS A 205 16.35 2.46 -0.07
N ALA A 206 16.46 1.62 0.95
CA ALA A 206 17.62 0.74 1.07
C ALA A 206 17.69 -0.23 -0.09
N GLY A 207 16.56 -0.85 -0.46
CA GLY A 207 16.57 -1.76 -1.60
C GLY A 207 16.92 -1.06 -2.89
N PHE A 208 16.37 0.13 -3.10
CA PHE A 208 16.70 0.93 -4.26
C PHE A 208 18.20 1.19 -4.31
N GLU A 209 18.76 1.65 -3.19
CA GLU A 209 20.19 1.96 -3.12
C GLU A 209 21.04 0.75 -3.44
N VAL A 210 20.71 -0.41 -2.88
CA VAL A 210 21.49 -1.61 -3.14
C VAL A 210 21.50 -1.91 -4.64
N MET A 211 20.35 -1.82 -5.29
CA MET A 211 20.30 -2.10 -6.72
C MET A 211 21.12 -1.12 -7.52
N VAL A 212 20.97 0.18 -7.26
N VAL A 212 21.01 0.18 -7.25
CA VAL A 212 21.70 1.17 -8.04
CA VAL A 212 21.72 1.13 -8.09
C VAL A 212 23.20 1.01 -7.82
C VAL A 212 23.21 1.14 -7.79
N GLU A 213 23.61 0.78 -6.56
CA GLU A 213 25.04 0.62 -6.27
C GLU A 213 25.62 -0.60 -6.98
N ALA A 214 24.81 -1.64 -7.21
CA ALA A 214 25.21 -2.84 -7.93
C ALA A 214 25.14 -2.68 -9.44
N GLY A 215 24.82 -1.50 -9.94
CA GLY A 215 24.83 -1.28 -11.36
C GLY A 215 23.58 -1.69 -12.10
N TYR A 216 22.43 -1.84 -11.38
CA TYR A 216 21.17 -2.02 -12.08
C TYR A 216 20.57 -0.67 -12.42
N PRO A 217 19.79 -0.56 -13.49
CA PRO A 217 19.19 0.74 -13.82
C PRO A 217 18.22 1.23 -12.74
N ALA A 218 18.29 2.53 -12.47
CA ALA A 218 17.41 3.14 -11.47
C ALA A 218 15.95 2.94 -11.81
N GLU A 219 15.59 2.90 -13.09
CA GLU A 219 14.19 2.76 -13.45
C GLU A 219 13.64 1.41 -13.00
N LEU A 220 14.39 0.34 -13.23
CA LEU A 220 13.95 -0.96 -12.76
C LEU A 220 13.90 -1.00 -11.24
N ALA A 221 14.88 -0.40 -10.59
CA ALA A 221 14.88 -0.37 -9.13
C ALA A 221 13.61 0.28 -8.60
N TYR A 222 13.20 1.40 -9.18
CA TYR A 222 11.97 2.07 -8.75
C TYR A 222 10.76 1.14 -8.87
N PHE A 223 10.62 0.49 -10.02
CA PHE A 223 9.46 -0.35 -10.23
C PHE A 223 9.41 -1.48 -9.22
N GLU A 224 10.56 -2.09 -8.93
CA GLU A 224 10.58 -3.38 -8.28
C GLU A 224 10.51 -3.31 -6.76
N VAL A 225 10.72 -2.11 -6.17
CA VAL A 225 10.53 -1.93 -4.73
C VAL A 225 9.47 -0.93 -4.35
N LEU A 226 9.11 0.02 -5.22
N LEU A 226 9.07 0.00 -5.23
CA LEU A 226 8.12 1.04 -4.89
CA LEU A 226 8.09 1.00 -4.84
C LEU A 226 6.84 0.87 -5.68
C LEU A 226 6.81 0.90 -5.67
N HIS A 227 6.90 0.99 -7.01
CA HIS A 227 5.68 0.94 -7.81
C HIS A 227 4.86 -0.30 -7.50
N GLU A 228 5.54 -1.45 -7.43
CA GLU A 228 4.87 -2.72 -7.25
C GLU A 228 4.37 -2.96 -5.83
N LEU A 229 4.73 -2.09 -4.87
CA LEU A 229 4.29 -2.28 -3.50
C LEU A 229 2.80 -2.01 -3.33
N LYS A 230 2.21 -1.16 -4.17
CA LYS A 230 0.80 -0.84 -4.03
C LYS A 230 -0.08 -2.07 -4.18
N LEU A 231 0.17 -2.90 -5.19
CA LEU A 231 -0.65 -4.10 -5.36
C LEU A 231 -0.57 -4.99 -4.12
N ILE A 232 0.65 -5.17 -3.60
CA ILE A 232 0.85 -6.01 -2.42
C ILE A 232 0.03 -5.49 -1.24
N VAL A 233 0.17 -4.21 -0.95
CA VAL A 233 -0.47 -3.66 0.23
C VAL A 233 -1.99 -3.63 0.03
N ASP A 234 -2.45 -3.37 -1.18
CA ASP A 234 -3.89 -3.44 -1.46
C ASP A 234 -4.44 -4.83 -1.15
N LEU A 235 -3.71 -5.87 -1.55
CA LEU A 235 -4.14 -7.24 -1.27
C LEU A 235 -4.19 -7.51 0.22
N MET A 236 -3.18 -7.05 0.98
CA MET A 236 -3.17 -7.24 2.43
C MET A 236 -4.32 -6.48 3.09
N TYR A 237 -4.59 -5.25 2.63
CA TYR A 237 -5.66 -4.44 3.19
C TYR A 237 -7.01 -5.14 3.06
N GLU A 238 -7.21 -5.85 1.94
CA GLU A 238 -8.48 -6.53 1.68
C GLU A 238 -8.57 -7.91 2.32
N GLY A 239 -7.46 -8.65 2.40
CA GLY A 239 -7.53 -10.05 2.78
C GLY A 239 -6.38 -10.55 3.64
N GLY A 240 -5.58 -9.65 4.18
CA GLY A 240 -4.48 -10.06 5.04
C GLY A 240 -3.31 -10.67 4.26
N LEU A 241 -2.36 -11.16 5.03
CA LEU A 241 -1.17 -11.78 4.45
C LEU A 241 -1.54 -12.97 3.58
N ALA A 242 -2.53 -13.75 4.03
CA ALA A 242 -2.94 -14.93 3.30
C ALA A 242 -3.39 -14.58 1.89
N ARG A 243 -4.21 -13.54 1.74
CA ARG A 243 -4.70 -13.18 0.41
C ARG A 243 -3.57 -12.77 -0.49
N MET A 244 -2.65 -11.97 0.05
CA MET A 244 -1.53 -11.49 -0.76
C MET A 244 -0.66 -12.65 -1.18
N TYR A 245 -0.31 -13.55 -0.27
CA TYR A 245 0.61 -14.61 -0.63
C TYR A 245 0.00 -15.59 -1.62
N TYR A 246 -1.32 -15.78 -1.57
CA TYR A 246 -2.00 -16.62 -2.56
C TYR A 246 -1.97 -15.98 -3.94
N SER A 247 -1.99 -14.66 -3.99
CA SER A 247 -2.10 -13.95 -5.26
CA SER A 247 -2.10 -13.93 -5.24
C SER A 247 -0.76 -13.82 -5.97
N VAL A 248 0.33 -13.69 -5.22
CA VAL A 248 1.64 -13.55 -5.85
C VAL A 248 2.14 -14.90 -6.32
N SER A 249 3.18 -14.90 -7.16
CA SER A 249 3.71 -16.14 -7.69
C SER A 249 4.39 -16.97 -6.58
N ASP A 250 4.52 -18.27 -6.84
CA ASP A 250 5.24 -19.11 -5.90
C ASP A 250 6.69 -18.67 -5.73
N THR A 251 7.29 -18.10 -6.78
CA THR A 251 8.66 -17.60 -6.67
C THR A 251 8.72 -16.41 -5.71
N ALA A 252 7.79 -15.47 -5.84
CA ALA A 252 7.71 -14.33 -4.94
C ALA A 252 7.38 -14.76 -3.52
N GLU A 253 6.46 -15.71 -3.38
CA GLU A 253 6.05 -16.18 -2.07
C GLU A 253 7.20 -16.89 -1.36
N PHE A 254 7.82 -17.86 -2.03
CA PHE A 254 8.94 -18.59 -1.43
C PHE A 254 10.09 -17.65 -1.10
N GLY A 255 10.43 -16.78 -2.05
CA GLY A 255 11.47 -15.80 -1.80
C GLY A 255 11.15 -14.91 -0.61
N GLY A 256 9.91 -14.43 -0.50
CA GLY A 256 9.55 -13.60 0.63
C GLY A 256 9.65 -14.34 1.95
N TYR A 257 9.19 -15.59 1.98
CA TYR A 257 9.25 -16.36 3.23
C TYR A 257 10.67 -16.59 3.70
N LEU A 258 11.60 -16.82 2.76
CA LEU A 258 13.00 -17.06 3.12
C LEU A 258 13.74 -15.77 3.44
N SER A 259 13.52 -14.73 2.65
CA SER A 259 14.33 -13.54 2.78
C SER A 259 13.77 -12.50 3.75
N GLY A 260 12.46 -12.45 3.94
CA GLY A 260 11.87 -11.52 4.87
C GLY A 260 12.49 -11.55 6.25
N PRO A 261 12.59 -12.75 6.85
CA PRO A 261 13.16 -12.87 8.21
C PRO A 261 14.65 -12.63 8.27
N ARG A 262 15.34 -12.60 7.13
CA ARG A 262 16.73 -12.19 7.09
C ARG A 262 16.85 -10.67 7.10
N VAL A 263 15.98 -9.99 6.36
CA VAL A 263 16.00 -8.52 6.33
C VAL A 263 15.57 -7.94 7.67
N ILE A 264 14.46 -8.44 8.21
CA ILE A 264 13.89 -7.96 9.47
C ILE A 264 14.14 -9.05 10.49
N ASP A 265 15.15 -8.87 11.31
CA ASP A 265 15.61 -9.90 12.21
C ASP A 265 15.32 -9.52 13.66
N ALA A 266 15.80 -10.33 14.59
CA ALA A 266 15.51 -10.10 16.00
C ALA A 266 16.06 -8.76 16.45
N GLY A 267 17.22 -8.37 15.92
CA GLY A 267 17.78 -7.08 16.27
C GLY A 267 16.92 -5.92 15.82
N THR A 268 16.30 -6.05 14.64
CA THR A 268 15.39 -5.02 14.16
C THR A 268 14.23 -4.87 15.15
N LYS A 269 13.70 -5.98 15.63
CA LYS A 269 12.61 -5.94 16.59
C LYS A 269 13.06 -5.27 17.90
N GLU A 270 14.29 -5.52 18.34
CA GLU A 270 14.80 -4.84 19.53
C GLU A 270 14.90 -3.33 19.33
N ARG A 271 15.32 -2.89 18.16
CA ARG A 271 15.33 -1.46 17.88
C ARG A 271 13.92 -0.88 17.88
N MET A 272 12.93 -1.63 17.37
N MET A 272 12.94 -1.66 17.41
CA MET A 272 11.54 -1.20 17.51
CA MET A 272 11.55 -1.22 17.46
C MET A 272 11.19 -0.97 18.96
C MET A 272 11.05 -1.10 18.90
N ARG A 273 11.57 -1.92 19.82
CA ARG A 273 11.25 -1.76 21.25
C ARG A 273 11.88 -0.49 21.81
N ASP A 274 13.09 -0.13 21.36
CA ASP A 274 13.68 1.14 21.78
C ASP A 274 12.83 2.32 21.34
N ILE A 275 12.31 2.27 20.11
N ILE A 275 12.36 2.29 20.08
CA ILE A 275 11.48 3.37 19.62
CA ILE A 275 11.46 3.32 19.57
C ILE A 275 10.18 3.45 20.41
C ILE A 275 10.23 3.43 20.46
N LEU A 276 9.61 2.30 20.78
CA LEU A 276 8.42 2.31 21.62
C LEU A 276 8.72 2.93 22.97
N ARG A 277 9.87 2.58 23.57
CA ARG A 277 10.22 3.14 24.87
C ARG A 277 10.28 4.66 24.84
N GLU A 278 10.77 5.24 23.74
CA GLU A 278 10.90 6.69 23.63
C GLU A 278 9.57 7.37 23.33
N ILE A 279 8.59 6.62 22.82
CA ILE A 279 7.20 7.10 22.78
C ILE A 279 6.61 7.09 24.18
N GLN A 280 6.76 5.97 24.89
CA GLN A 280 6.14 5.79 26.20
C GLN A 280 6.70 6.76 27.23
N ASP A 281 7.98 7.08 27.15
CA ASP A 281 8.61 7.91 28.17
C ASP A 281 8.46 9.41 27.90
N GLY A 282 7.77 9.80 26.83
CA GLY A 282 7.51 11.19 26.54
C GLY A 282 8.62 11.91 25.81
N SER A 283 9.77 11.25 25.58
CA SER A 283 10.90 11.98 25.05
C SER A 283 10.71 12.32 23.57
N PHE A 284 10.17 11.41 22.77
CA PHE A 284 9.88 11.75 21.38
C PHE A 284 8.98 12.97 21.29
N VAL A 285 7.89 12.99 22.06
CA VAL A 285 6.95 14.10 21.98
C VAL A 285 7.61 15.40 22.43
N HIS A 286 8.45 15.33 23.46
CA HIS A 286 9.16 16.52 23.90
C HIS A 286 10.02 17.09 22.77
N LYS A 287 10.72 16.21 22.05
CA LYS A 287 11.56 16.64 20.93
C LYS A 287 10.72 17.25 19.82
N LEU A 288 9.59 16.61 19.50
CA LEU A 288 8.69 17.15 18.48
C LEU A 288 8.24 18.55 18.84
N VAL A 289 7.75 18.72 20.07
CA VAL A 289 7.22 20.03 20.48
C VAL A 289 8.32 21.08 20.45
N ALA A 290 9.52 20.72 20.90
CA ALA A 290 10.63 21.66 20.88
C ALA A 290 10.98 22.06 19.45
N ASP A 291 10.94 21.11 18.51
CA ASP A 291 11.24 21.46 17.12
C ASP A 291 10.18 22.40 16.58
N VAL A 292 8.90 22.14 16.88
CA VAL A 292 7.84 23.06 16.47
C VAL A 292 8.11 24.45 17.01
N GLU A 293 8.46 24.55 18.30
CA GLU A 293 8.66 25.86 18.92
C GLU A 293 9.81 26.62 18.28
N GLY A 294 10.82 25.91 17.78
CA GLY A 294 11.95 26.54 17.14
C GLY A 294 11.79 26.84 15.67
N GLY A 295 10.61 26.57 15.09
CA GLY A 295 10.37 26.82 13.69
C GLY A 295 10.51 25.61 12.79
N ASN A 296 10.41 24.40 13.34
CA ASN A 296 10.41 23.17 12.55
C ASN A 296 11.73 22.95 11.82
N LYS A 297 12.85 23.39 12.40
CA LYS A 297 14.13 23.36 11.68
C LYS A 297 14.57 21.93 11.36
N GLN A 298 14.50 21.03 12.34
CA GLN A 298 14.95 19.68 12.08
C GLN A 298 13.98 18.96 11.15
N LEU A 299 12.67 19.14 11.37
CA LEU A 299 11.69 18.57 10.47
C LEU A 299 11.97 18.99 9.02
N GLU A 300 12.22 20.28 8.81
CA GLU A 300 12.40 20.79 7.46
C GLU A 300 13.70 20.29 6.84
N GLU A 301 14.75 20.13 7.65
CA GLU A 301 16.00 19.59 7.12
C GLU A 301 15.84 18.13 6.69
N LEU A 302 15.23 17.31 7.53
CA LEU A 302 15.00 15.91 7.17
C LEU A 302 14.03 15.78 6.00
N ARG A 303 13.06 16.70 5.91
CA ARG A 303 12.15 16.70 4.77
C ARG A 303 12.90 16.92 3.47
N ARG A 304 13.80 17.91 3.45
CA ARG A 304 14.54 18.18 2.22
C ARG A 304 15.40 16.98 1.83
N GLN A 305 16.06 16.36 2.81
CA GLN A 305 16.92 15.22 2.50
C GLN A 305 16.13 14.10 1.83
N ASN A 306 14.97 13.75 2.39
CA ASN A 306 14.16 12.70 1.78
C ASN A 306 13.65 13.12 0.41
N ALA A 307 13.28 14.38 0.25
CA ALA A 307 12.79 14.85 -1.03
C ALA A 307 13.85 14.76 -2.12
N GLU A 308 15.13 14.82 -1.74
CA GLU A 308 16.23 14.79 -2.69
C GLU A 308 16.82 13.40 -2.91
N HIS A 309 16.25 12.37 -2.31
CA HIS A 309 16.78 11.03 -2.50
C HIS A 309 16.68 10.65 -3.98
N PRO A 310 17.64 9.89 -4.51
CA PRO A 310 17.57 9.52 -5.93
C PRO A 310 16.31 8.76 -6.34
N ILE A 311 15.60 8.08 -5.43
CA ILE A 311 14.37 7.41 -5.85
C ILE A 311 13.32 8.43 -6.26
N GLU A 312 13.41 9.66 -5.75
CA GLU A 312 12.44 10.68 -6.07
C GLU A 312 12.65 11.22 -7.47
N VAL A 313 13.91 11.35 -7.86
CA VAL A 313 14.26 11.82 -9.19
C VAL A 313 13.70 10.86 -10.25
N VAL A 314 14.07 9.59 -10.16
CA VAL A 314 13.61 8.65 -11.16
C VAL A 314 12.12 8.42 -11.06
N GLY A 315 11.57 8.45 -9.84
CA GLY A 315 10.15 8.23 -9.69
C GLY A 315 9.30 9.29 -10.35
N LYS A 316 9.71 10.55 -10.24
CA LYS A 316 8.95 11.61 -10.91
C LYS A 316 8.94 11.39 -12.41
N LYS A 317 10.08 11.03 -12.98
CA LYS A 317 10.18 10.77 -14.41
C LYS A 317 9.27 9.61 -14.82
N LEU A 318 9.27 8.52 -14.06
CA LEU A 318 8.46 7.36 -14.44
C LEU A 318 6.98 7.61 -14.21
N ARG A 319 6.62 8.30 -13.12
CA ARG A 319 5.22 8.59 -12.90
C ARG A 319 4.66 9.53 -13.98
N ASP A 320 5.53 10.35 -14.59
CA ASP A 320 5.10 11.17 -15.71
C ASP A 320 4.59 10.35 -16.88
N LEU A 321 4.98 9.08 -16.98
CA LEU A 321 4.52 8.19 -18.04
C LEU A 321 3.14 7.62 -17.78
N MET A 322 2.63 7.73 -16.56
CA MET A 322 1.47 6.98 -16.11
C MET A 322 0.22 7.85 -16.17
N SER A 323 -0.62 7.59 -17.17
CA SER A 323 -1.75 8.46 -17.44
C SER A 323 -2.93 8.24 -16.49
N TRP A 324 -2.91 7.20 -15.67
CA TRP A 324 -3.92 6.99 -14.65
C TRP A 324 -3.53 7.57 -13.30
N VAL A 325 -2.36 8.17 -13.19
CA VAL A 325 -1.87 8.72 -11.93
C VAL A 325 -2.10 10.23 -11.92
N MET B 1 13.84 5.13 -24.98
CA MET B 1 12.44 4.67 -24.89
C MET B 1 11.77 4.69 -26.23
N PHE B 2 10.73 3.86 -26.38
CA PHE B 2 10.02 3.68 -27.63
C PHE B 2 8.54 3.98 -27.45
N TYR B 3 7.96 4.62 -28.47
CA TYR B 3 6.57 5.04 -28.47
C TYR B 3 5.87 4.53 -29.72
N ASP B 4 4.61 4.93 -29.92
CA ASP B 4 3.80 4.35 -31.00
C ASP B 4 4.49 4.49 -32.35
N ASP B 5 5.10 5.64 -32.62
CA ASP B 5 5.68 5.87 -33.94
C ASP B 5 6.95 5.06 -34.16
N ASP B 6 7.45 4.38 -33.14
CA ASP B 6 8.60 3.52 -33.25
C ASP B 6 8.23 2.08 -33.52
N ALA B 7 6.94 1.76 -33.60
CA ALA B 7 6.50 0.38 -33.74
C ALA B 7 5.46 0.28 -34.83
N ASP B 8 5.44 -0.88 -35.48
CA ASP B 8 4.61 -1.15 -36.65
C ASP B 8 3.65 -2.27 -36.29
N LEU B 9 2.39 -1.93 -36.07
CA LEU B 9 1.40 -2.91 -35.64
C LEU B 9 1.19 -4.02 -36.68
N SER B 10 1.44 -3.73 -37.95
CA SER B 10 1.22 -4.74 -38.97
C SER B 10 2.12 -5.95 -38.80
N ILE B 11 3.23 -5.81 -38.10
CA ILE B 11 4.12 -6.97 -37.90
C ILE B 11 3.42 -8.03 -37.06
N ILE B 12 3.00 -7.68 -35.83
CA ILE B 12 2.36 -8.68 -34.99
C ILE B 12 1.01 -9.11 -35.55
N GLN B 13 0.30 -8.22 -36.25
CA GLN B 13 -0.97 -8.60 -36.88
C GLN B 13 -0.78 -9.73 -37.88
N GLY B 14 0.42 -9.89 -38.42
CA GLY B 14 0.74 -10.97 -39.34
C GLY B 14 1.20 -12.25 -38.68
N ARG B 15 1.17 -12.33 -37.34
CA ARG B 15 1.68 -13.49 -36.62
C ARG B 15 0.54 -14.19 -35.89
N LYS B 16 0.74 -15.48 -35.66
CA LYS B 16 -0.20 -16.30 -34.90
C LYS B 16 0.36 -16.43 -33.49
N VAL B 17 -0.31 -15.81 -32.51
CA VAL B 17 0.20 -15.73 -31.15
C VAL B 17 -0.49 -16.78 -30.29
N GLY B 18 0.31 -17.71 -29.78
CA GLY B 18 -0.16 -18.70 -28.84
C GLY B 18 0.28 -18.32 -27.45
N VAL B 19 -0.68 -18.07 -26.58
CA VAL B 19 -0.44 -17.69 -25.20
C VAL B 19 -0.51 -18.97 -24.37
N ILE B 20 0.62 -19.38 -23.79
CA ILE B 20 0.72 -20.64 -23.07
C ILE B 20 0.70 -20.33 -21.59
N GLY B 21 -0.31 -20.83 -20.89
CA GLY B 21 -0.59 -20.35 -19.55
C GLY B 21 -1.40 -19.08 -19.64
N TYR B 22 -1.83 -18.56 -18.48
CA TYR B 22 -2.70 -17.39 -18.52
C TYR B 22 -2.53 -16.55 -17.26
N GLY B 23 -3.19 -16.92 -16.18
CA GLY B 23 -2.97 -16.19 -14.95
C GLY B 23 -3.51 -14.76 -15.01
N SER B 24 -3.05 -13.96 -14.04
CA SER B 24 -3.62 -12.64 -13.82
C SER B 24 -3.31 -11.65 -14.93
N GLN B 25 -2.26 -11.89 -15.71
CA GLN B 25 -1.89 -11.01 -16.80
C GLN B 25 -2.48 -11.47 -18.13
N GLY B 26 -3.18 -12.60 -18.16
CA GLY B 26 -3.57 -13.19 -19.42
C GLY B 26 -4.45 -12.27 -20.25
N HIS B 27 -5.47 -11.65 -19.63
CA HIS B 27 -6.38 -10.80 -20.39
C HIS B 27 -5.64 -9.62 -20.99
N ALA B 28 -4.72 -9.03 -20.22
CA ALA B 28 -3.98 -7.85 -20.68
C ALA B 28 -3.17 -8.16 -21.94
N HIS B 29 -2.74 -9.40 -22.12
CA HIS B 29 -2.10 -9.80 -23.36
C HIS B 29 -3.14 -10.21 -24.40
N SER B 30 -3.97 -11.19 -24.07
N SER B 30 -3.94 -11.23 -24.08
CA SER B 30 -4.76 -11.89 -25.08
CA SER B 30 -4.77 -11.88 -25.10
C SER B 30 -5.90 -11.04 -25.62
C SER B 30 -5.84 -10.94 -25.64
N LEU B 31 -6.60 -10.29 -24.76
CA LEU B 31 -7.75 -9.53 -25.23
C LEU B 31 -7.30 -8.32 -26.02
N SER B 32 -6.18 -7.73 -25.64
CA SER B 32 -5.70 -6.56 -26.35
C SER B 32 -5.06 -6.95 -27.67
N LEU B 33 -4.30 -8.04 -27.69
CA LEU B 33 -3.84 -8.57 -28.98
C LEU B 33 -5.01 -8.78 -29.93
N ARG B 34 -6.09 -9.41 -29.45
CA ARG B 34 -7.23 -9.67 -30.31
C ARG B 34 -7.86 -8.37 -30.79
N ASP B 35 -8.07 -7.41 -29.87
CA ASP B 35 -8.61 -6.11 -30.28
C ASP B 35 -7.73 -5.43 -31.31
N SER B 36 -6.42 -5.65 -31.23
CA SER B 36 -5.47 -5.07 -32.16
C SER B 36 -5.35 -5.86 -33.46
N GLY B 37 -6.21 -6.83 -33.71
CA GLY B 37 -6.21 -7.55 -34.97
C GLY B 37 -5.27 -8.71 -35.06
N VAL B 38 -4.85 -9.28 -33.94
CA VAL B 38 -3.94 -10.41 -33.90
C VAL B 38 -4.73 -11.68 -33.64
N GLN B 39 -4.39 -12.75 -34.38
CA GLN B 39 -4.95 -14.07 -34.08
C GLN B 39 -4.30 -14.65 -32.84
N VAL B 40 -5.13 -15.07 -31.89
CA VAL B 40 -4.68 -15.58 -30.60
C VAL B 40 -5.34 -16.93 -30.32
N ARG B 41 -4.57 -17.87 -29.78
CA ARG B 41 -5.09 -19.05 -29.14
C ARG B 41 -4.39 -19.22 -27.81
N VAL B 42 -5.05 -19.88 -26.85
CA VAL B 42 -4.53 -20.05 -25.50
C VAL B 42 -4.30 -21.53 -25.23
N GLY B 43 -3.10 -21.84 -24.75
CA GLY B 43 -2.72 -23.21 -24.42
C GLY B 43 -2.78 -23.48 -22.94
N LEU B 44 -3.73 -24.32 -22.53
CA LEU B 44 -3.95 -24.71 -21.15
C LEU B 44 -4.33 -26.18 -21.10
N LYS B 45 -3.90 -26.88 -20.07
CA LYS B 45 -4.37 -28.24 -19.86
C LYS B 45 -5.84 -28.23 -19.44
N GLN B 46 -6.48 -29.40 -19.60
CA GLN B 46 -7.91 -29.52 -19.34
C GLN B 46 -8.27 -29.08 -17.92
N GLY B 47 -7.41 -29.38 -16.95
CA GLY B 47 -7.75 -29.06 -15.57
C GLY B 47 -7.37 -27.67 -15.09
N SER B 48 -6.92 -26.78 -15.99
CA SER B 48 -6.35 -25.51 -15.56
C SER B 48 -7.40 -24.62 -14.93
N ARG B 49 -7.00 -23.97 -13.84
CA ARG B 49 -7.91 -23.05 -13.16
C ARG B 49 -8.23 -21.82 -14.02
N SER B 50 -7.40 -21.51 -15.01
CA SER B 50 -7.66 -20.38 -15.89
C SER B 50 -8.64 -20.70 -17.00
N ARG B 51 -8.96 -21.97 -17.24
CA ARG B 51 -9.77 -22.30 -18.42
C ARG B 51 -11.12 -21.60 -18.41
N PRO B 52 -11.88 -21.61 -17.31
CA PRO B 52 -13.19 -20.93 -17.34
C PRO B 52 -13.11 -19.48 -17.78
N LYS B 53 -12.16 -18.70 -17.24
CA LYS B 53 -12.16 -17.28 -17.56
C LYS B 53 -11.68 -17.02 -18.98
N VAL B 54 -10.84 -17.92 -19.51
CA VAL B 54 -10.43 -17.80 -20.91
C VAL B 54 -11.62 -18.11 -21.83
N GLU B 55 -12.32 -19.20 -21.56
CA GLU B 55 -13.46 -19.54 -22.41
C GLU B 55 -14.55 -18.48 -22.32
N GLU B 56 -14.71 -17.84 -21.16
CA GLU B 56 -15.71 -16.78 -21.03
C GLU B 56 -15.44 -15.62 -21.98
N GLN B 57 -14.17 -15.41 -22.35
CA GLN B 57 -13.79 -14.34 -23.26
C GLN B 57 -13.86 -14.77 -24.72
N GLY B 58 -14.23 -16.02 -24.99
CA GLY B 58 -14.34 -16.45 -26.37
C GLY B 58 -13.02 -16.66 -27.04
N LEU B 59 -11.97 -16.91 -26.28
CA LEU B 59 -10.68 -17.30 -26.81
C LEU B 59 -10.65 -18.81 -27.04
N ASP B 60 -10.07 -19.21 -28.15
CA ASP B 60 -9.91 -20.63 -28.44
C ASP B 60 -8.83 -21.21 -27.55
N VAL B 61 -9.17 -22.30 -26.87
N VAL B 61 -9.14 -22.29 -26.83
CA VAL B 61 -8.28 -22.95 -25.91
CA VAL B 61 -8.21 -22.90 -25.90
C VAL B 61 -7.98 -24.36 -26.42
C VAL B 61 -7.98 -24.35 -26.28
N ASP B 62 -6.71 -24.75 -26.34
CA ASP B 62 -6.31 -26.11 -26.66
C ASP B 62 -5.13 -26.46 -25.76
N THR B 63 -4.57 -27.65 -25.97
CA THR B 63 -3.43 -28.06 -25.17
C THR B 63 -2.24 -27.15 -25.49
N PRO B 64 -1.31 -27.00 -24.55
CA PRO B 64 -0.09 -26.24 -24.87
C PRO B 64 0.61 -26.71 -26.13
N ALA B 65 0.73 -28.02 -26.35
CA ALA B 65 1.43 -28.49 -27.55
C ALA B 65 0.67 -28.11 -28.82
N GLU B 66 -0.65 -28.24 -28.82
CA GLU B 66 -1.42 -27.89 -30.01
C GLU B 66 -1.34 -26.40 -30.32
N VAL B 67 -1.35 -25.57 -29.30
CA VAL B 67 -1.24 -24.14 -29.53
C VAL B 67 0.15 -23.77 -30.03
N ALA B 68 1.20 -24.36 -29.44
CA ALA B 68 2.55 -24.09 -29.88
C ALA B 68 2.75 -24.50 -31.34
N LYS B 69 2.16 -25.62 -31.75
CA LYS B 69 2.26 -26.07 -33.14
C LYS B 69 1.60 -25.06 -34.10
N TRP B 70 0.43 -24.56 -33.73
CA TRP B 70 -0.27 -23.59 -34.56
C TRP B 70 0.45 -22.26 -34.61
N ALA B 71 1.05 -21.85 -33.50
CA ALA B 71 1.58 -20.50 -33.35
C ALA B 71 2.95 -20.32 -33.98
N ASP B 72 3.25 -19.09 -34.39
CA ASP B 72 4.61 -18.69 -34.69
C ASP B 72 5.16 -17.64 -33.72
N VAL B 73 4.38 -17.17 -32.76
CA VAL B 73 4.87 -16.43 -31.61
C VAL B 73 4.25 -17.14 -30.41
N VAL B 74 5.09 -17.65 -29.52
CA VAL B 74 4.62 -18.36 -28.34
C VAL B 74 4.96 -17.51 -27.12
N MET B 75 3.94 -16.94 -26.49
CA MET B 75 4.09 -16.12 -25.30
C MET B 75 3.80 -16.99 -24.08
N VAL B 76 4.80 -17.13 -23.21
CA VAL B 76 4.70 -18.03 -22.07
C VAL B 76 4.34 -17.21 -20.82
N LEU B 77 3.12 -17.43 -20.31
CA LEU B 77 2.60 -16.77 -19.11
C LEU B 77 2.39 -17.75 -17.97
N ALA B 78 2.68 -19.03 -18.18
CA ALA B 78 2.52 -20.04 -17.14
C ALA B 78 3.38 -19.71 -15.93
N PRO B 79 3.06 -20.27 -14.76
CA PRO B 79 3.88 -19.99 -13.57
C PRO B 79 5.34 -20.31 -13.82
N ASP B 80 6.23 -19.45 -13.28
CA ASP B 80 7.66 -19.60 -13.53
C ASP B 80 8.14 -21.00 -13.20
N THR B 81 7.64 -21.62 -12.13
CA THR B 81 8.14 -22.94 -11.75
C THR B 81 7.66 -24.07 -12.65
N ALA B 82 6.62 -23.84 -13.45
CA ALA B 82 6.07 -24.84 -14.38
C ALA B 82 6.59 -24.69 -15.80
N GLN B 83 7.27 -23.58 -16.11
CA GLN B 83 7.57 -23.27 -17.50
C GLN B 83 8.55 -24.26 -18.11
N ALA B 84 9.54 -24.71 -17.34
CA ALA B 84 10.58 -25.54 -17.94
C ALA B 84 10.00 -26.85 -18.48
N GLU B 85 9.11 -27.47 -17.71
CA GLU B 85 8.50 -28.72 -18.15
C GLU B 85 7.56 -28.50 -19.33
N ILE B 86 6.77 -27.43 -19.32
CA ILE B 86 5.93 -27.10 -20.47
C ILE B 86 6.80 -26.88 -21.71
N PHE B 87 7.88 -26.12 -21.53
CA PHE B 87 8.73 -25.81 -22.68
C PHE B 87 9.31 -27.08 -23.28
N ALA B 88 9.90 -27.93 -22.43
CA ALA B 88 10.60 -29.10 -22.93
C ALA B 88 9.66 -30.03 -23.68
N GLY B 89 8.45 -30.21 -23.16
CA GLY B 89 7.55 -31.20 -23.73
C GLY B 89 6.60 -30.67 -24.79
N ASP B 90 6.14 -29.44 -24.63
CA ASP B 90 5.07 -28.92 -25.46
C ASP B 90 5.50 -27.82 -26.41
N ILE B 91 6.53 -27.06 -26.08
CA ILE B 91 6.88 -25.90 -26.87
C ILE B 91 8.06 -26.18 -27.78
N GLU B 92 9.19 -26.62 -27.21
CA GLU B 92 10.44 -26.70 -27.96
C GLU B 92 10.30 -27.44 -29.29
N PRO B 93 9.73 -28.65 -29.35
CA PRO B 93 9.64 -29.34 -30.63
C PRO B 93 8.72 -28.67 -31.62
N ASN B 94 7.85 -27.79 -31.14
CA ASN B 94 6.87 -27.09 -31.95
C ASN B 94 7.26 -25.66 -32.26
N LEU B 95 8.54 -25.31 -32.06
CA LEU B 95 9.08 -24.04 -32.53
C LEU B 95 9.75 -24.31 -33.87
N LYS B 96 9.08 -23.94 -34.95
CA LYS B 96 9.65 -24.08 -36.27
C LYS B 96 10.73 -23.01 -36.46
N PRO B 97 11.67 -23.23 -37.37
CA PRO B 97 12.67 -22.17 -37.63
C PRO B 97 11.96 -20.86 -37.92
N GLY B 98 12.39 -19.80 -37.23
CA GLY B 98 11.80 -18.49 -37.41
C GLY B 98 10.65 -18.17 -36.47
N ASP B 99 10.17 -19.15 -35.72
CA ASP B 99 9.22 -18.84 -34.66
C ASP B 99 9.88 -17.90 -33.65
N ALA B 100 9.04 -17.30 -32.81
CA ALA B 100 9.50 -16.45 -31.72
C ALA B 100 8.96 -17.00 -30.41
N LEU B 101 9.82 -16.97 -29.39
CA LEU B 101 9.50 -17.40 -28.04
C LEU B 101 9.54 -16.16 -27.15
N PHE B 102 8.39 -15.82 -26.59
CA PHE B 102 8.24 -14.63 -25.77
C PHE B 102 7.90 -15.01 -24.32
N PHE B 103 8.27 -14.13 -23.39
CA PHE B 103 7.98 -14.26 -21.98
C PHE B 103 7.53 -12.90 -21.44
N GLY B 104 6.89 -12.92 -20.27
CA GLY B 104 6.63 -11.70 -19.52
C GLY B 104 7.66 -11.39 -18.44
N HIS B 105 8.57 -12.34 -18.20
CA HIS B 105 9.64 -12.18 -17.20
C HIS B 105 10.85 -12.97 -17.66
N GLY B 106 12.01 -12.62 -17.12
CA GLY B 106 13.24 -13.21 -17.64
C GLY B 106 13.75 -14.45 -16.95
N LEU B 107 13.07 -14.95 -15.91
N LEU B 107 13.04 -14.94 -15.92
CA LEU B 107 13.68 -15.93 -15.00
CA LEU B 107 13.59 -15.93 -15.00
C LEU B 107 14.14 -17.20 -15.70
C LEU B 107 14.13 -17.15 -15.73
N ASN B 108 13.24 -17.86 -16.43
CA ASN B 108 13.59 -19.18 -16.93
C ASN B 108 14.74 -19.16 -17.91
N VAL B 109 14.76 -18.19 -18.83
CA VAL B 109 15.86 -18.12 -19.78
C VAL B 109 17.14 -17.67 -19.07
N HIS B 110 17.05 -16.65 -18.21
CA HIS B 110 18.26 -16.13 -17.59
C HIS B 110 18.97 -17.20 -16.75
N PHE B 111 18.22 -17.97 -15.98
CA PHE B 111 18.82 -18.96 -15.10
C PHE B 111 19.03 -20.30 -15.79
N GLY B 112 18.77 -20.41 -17.08
CA GLY B 112 19.08 -21.62 -17.81
C GLY B 112 18.08 -22.73 -17.64
N LEU B 113 16.91 -22.46 -17.06
CA LEU B 113 15.89 -23.48 -16.90
C LEU B 113 15.25 -23.81 -18.24
N ILE B 114 15.21 -22.82 -19.14
CA ILE B 114 14.79 -22.99 -20.52
C ILE B 114 15.98 -22.56 -21.38
N LYS B 115 16.39 -23.45 -22.28
CA LYS B 115 17.47 -23.19 -23.24
C LYS B 115 16.86 -23.20 -24.64
N PRO B 116 16.51 -22.04 -25.19
CA PRO B 116 15.83 -22.03 -26.48
C PRO B 116 16.74 -22.55 -27.59
N PRO B 117 16.16 -23.10 -28.65
CA PRO B 117 16.96 -23.47 -29.82
C PRO B 117 17.50 -22.23 -30.50
N ALA B 118 18.53 -22.44 -31.32
CA ALA B 118 19.25 -21.34 -31.94
C ALA B 118 18.46 -20.67 -33.06
N ASP B 119 17.42 -21.32 -33.59
CA ASP B 119 16.73 -20.84 -34.78
C ASP B 119 15.46 -20.06 -34.47
N VAL B 120 15.29 -19.59 -33.22
CA VAL B 120 14.12 -18.78 -32.86
C VAL B 120 14.54 -17.45 -32.22
N ALA B 121 13.70 -16.46 -32.40
CA ALA B 121 13.81 -15.24 -31.61
C ALA B 121 13.37 -15.52 -30.17
N VAL B 122 13.97 -14.82 -29.22
CA VAL B 122 13.62 -14.93 -27.81
C VAL B 122 13.51 -13.51 -27.26
N ALA B 123 12.34 -13.16 -26.71
CA ALA B 123 12.08 -11.79 -26.30
C ALA B 123 11.13 -11.76 -25.11
N MET B 124 11.03 -10.57 -24.53
CA MET B 124 10.22 -10.35 -23.34
C MET B 124 9.44 -9.06 -23.51
N VAL B 125 8.17 -9.07 -23.13
CA VAL B 125 7.34 -7.88 -23.03
C VAL B 125 6.68 -7.93 -21.66
N ALA B 126 7.01 -6.96 -20.80
CA ALA B 126 6.62 -6.96 -19.39
C ALA B 126 5.89 -5.67 -19.05
N PRO B 127 4.56 -5.67 -19.06
CA PRO B 127 3.81 -4.46 -18.68
C PRO B 127 3.94 -4.20 -17.19
N LYS B 128 4.11 -2.93 -16.82
CA LYS B 128 4.37 -2.58 -15.41
C LYS B 128 3.11 -2.12 -14.70
N GLY B 129 2.18 -3.04 -14.61
CA GLY B 129 1.02 -2.86 -13.79
C GLY B 129 0.25 -4.16 -13.65
N PRO B 130 -0.71 -4.21 -12.74
CA PRO B 130 -1.57 -5.39 -12.65
C PRO B 130 -2.34 -5.57 -13.94
N GLY B 131 -2.61 -6.82 -14.30
CA GLY B 131 -3.28 -7.11 -15.55
C GLY B 131 -4.55 -6.31 -15.75
N HIS B 132 -5.37 -6.18 -14.69
CA HIS B 132 -6.63 -5.46 -14.84
C HIS B 132 -6.40 -4.02 -15.27
N LEU B 133 -5.36 -3.38 -14.72
CA LEU B 133 -5.04 -1.99 -15.07
C LEU B 133 -4.49 -1.90 -16.49
N VAL B 134 -3.58 -2.81 -16.86
CA VAL B 134 -3.02 -2.79 -18.20
C VAL B 134 -4.15 -2.88 -19.24
N ARG B 135 -5.07 -3.81 -19.01
CA ARG B 135 -6.20 -4.00 -19.93
C ARG B 135 -7.14 -2.80 -19.92
N ARG B 136 -7.48 -2.30 -18.72
CA ARG B 136 -8.38 -1.15 -18.66
C ARG B 136 -7.80 0.05 -19.38
N GLN B 137 -6.51 0.31 -19.19
CA GLN B 137 -5.88 1.43 -19.89
C GLN B 137 -5.99 1.24 -21.40
N PHE B 138 -5.70 0.04 -21.87
CA PHE B 138 -5.76 -0.22 -23.31
C PHE B 138 -7.15 0.05 -23.85
N VAL B 139 -8.17 -0.46 -23.16
CA VAL B 139 -9.55 -0.27 -23.60
C VAL B 139 -9.90 1.19 -23.68
N ASP B 140 -9.34 2.02 -22.79
CA ASP B 140 -9.58 3.45 -22.75
C ASP B 140 -8.70 4.24 -23.71
N GLY B 141 -7.97 3.56 -24.59
CA GLY B 141 -7.13 4.23 -25.55
C GLY B 141 -5.79 4.67 -25.02
N LYS B 142 -5.40 4.17 -23.85
CA LYS B 142 -4.17 4.54 -23.16
C LYS B 142 -3.34 3.27 -22.99
N GLY B 143 -2.30 3.36 -22.16
CA GLY B 143 -1.45 2.21 -21.94
C GLY B 143 -0.77 2.28 -20.59
N VAL B 144 0.05 1.27 -20.34
CA VAL B 144 0.89 1.18 -19.16
C VAL B 144 2.32 1.01 -19.65
N PRO B 145 3.31 1.67 -19.03
CA PRO B 145 4.70 1.47 -19.45
C PRO B 145 5.08 0.00 -19.41
N CYS B 146 6.13 -0.30 -20.15
N CYS B 146 5.85 -0.42 -20.43
CA CYS B 146 6.33 -1.69 -20.51
CA CYS B 146 6.31 -1.80 -20.53
C CYS B 146 7.80 -1.93 -20.81
C CYS B 146 7.84 -1.83 -20.61
N LEU B 147 8.39 -2.96 -20.19
CA LEU B 147 9.77 -3.31 -20.50
C LEU B 147 9.80 -4.25 -21.69
N VAL B 148 10.86 -4.13 -22.51
N VAL B 148 10.83 -4.10 -22.52
CA VAL B 148 11.08 -5.04 -23.63
CA VAL B 148 11.09 -5.07 -23.58
C VAL B 148 12.54 -5.46 -23.62
C VAL B 148 12.54 -5.52 -23.44
N ALA B 149 12.78 -6.75 -23.86
CA ALA B 149 14.13 -7.30 -23.97
C ALA B 149 14.16 -8.26 -25.16
N VAL B 150 15.33 -8.35 -25.80
CA VAL B 150 15.53 -9.30 -26.89
C VAL B 150 16.81 -10.06 -26.57
N GLU B 151 16.68 -11.37 -26.29
CA GLU B 151 17.79 -12.21 -25.86
C GLU B 151 18.42 -12.99 -27.00
N GLN B 152 17.68 -13.26 -28.07
CA GLN B 152 18.22 -13.97 -29.22
C GLN B 152 17.45 -13.48 -30.44
N ASP B 153 18.16 -13.33 -31.56
CA ASP B 153 17.58 -12.59 -32.68
C ASP B 153 18.12 -13.07 -34.03
N PRO B 154 17.90 -14.33 -34.41
CA PRO B 154 18.49 -14.85 -35.66
C PRO B 154 18.04 -14.12 -36.92
N ARG B 155 16.80 -13.61 -36.98
CA ARG B 155 16.30 -12.92 -38.17
C ARG B 155 16.58 -11.42 -38.17
N GLY B 156 17.13 -10.89 -37.10
CA GLY B 156 17.46 -9.47 -37.02
C GLY B 156 16.29 -8.53 -36.84
N ASP B 157 15.08 -9.05 -36.62
CA ASP B 157 13.87 -8.24 -36.51
C ASP B 157 13.21 -8.38 -35.14
N GLY B 158 13.93 -8.95 -34.17
CA GLY B 158 13.30 -9.27 -32.90
C GLY B 158 12.81 -8.05 -32.14
N LEU B 159 13.57 -6.95 -32.15
CA LEU B 159 13.11 -5.75 -31.46
C LEU B 159 11.86 -5.20 -32.11
N ALA B 160 11.83 -5.15 -33.45
CA ALA B 160 10.63 -4.68 -34.13
C ALA B 160 9.43 -5.56 -33.80
N LEU B 161 9.63 -6.87 -33.73
CA LEU B 161 8.54 -7.77 -33.41
C LEU B 161 8.05 -7.54 -31.98
N ALA B 162 8.97 -7.41 -31.04
CA ALA B 162 8.61 -7.17 -29.65
C ALA B 162 7.93 -5.82 -29.46
N LEU B 163 8.40 -4.78 -30.17
CA LEU B 163 7.74 -3.48 -30.06
C LEU B 163 6.36 -3.50 -30.70
N SER B 164 6.19 -4.27 -31.78
CA SER B 164 4.88 -4.43 -32.40
C SER B 164 3.90 -5.09 -31.42
N TYR B 165 4.34 -6.16 -30.76
CA TYR B 165 3.57 -6.80 -29.70
C TYR B 165 3.22 -5.79 -28.60
N ALA B 166 4.22 -5.04 -28.13
CA ALA B 166 3.97 -4.04 -27.09
C ALA B 166 2.94 -3.01 -27.55
N LYS B 167 3.02 -2.58 -28.80
CA LYS B 167 2.03 -1.62 -29.32
C LYS B 167 0.64 -2.22 -29.29
N ALA B 168 0.51 -3.51 -29.61
CA ALA B 168 -0.78 -4.17 -29.66
C ALA B 168 -1.42 -4.33 -28.29
N ILE B 169 -0.65 -4.25 -27.21
CA ILE B 169 -1.19 -4.31 -25.85
C ILE B 169 -1.19 -2.96 -25.15
N GLY B 170 -0.78 -1.89 -25.85
CA GLY B 170 -0.85 -0.53 -25.34
C GLY B 170 0.44 0.03 -24.78
N GLY B 171 1.49 -0.78 -24.68
CA GLY B 171 2.69 -0.34 -23.98
C GLY B 171 3.36 0.87 -24.61
N THR B 172 3.40 0.92 -25.93
CA THR B 172 4.05 2.06 -26.59
C THR B 172 3.25 3.35 -26.46
N ARG B 173 1.96 3.29 -26.10
CA ARG B 173 1.20 4.51 -25.84
C ARG B 173 1.81 5.30 -24.69
N ALA B 174 2.25 4.59 -23.66
CA ALA B 174 2.83 5.18 -22.45
C ALA B 174 4.34 5.29 -22.50
N GLY B 175 5.01 4.32 -23.12
CA GLY B 175 6.45 4.30 -23.21
C GLY B 175 7.02 2.94 -22.88
N VAL B 176 7.89 2.46 -23.76
CA VAL B 176 8.58 1.18 -23.59
C VAL B 176 10.05 1.45 -23.26
N ILE B 177 10.54 0.77 -22.23
CA ILE B 177 11.93 0.83 -21.79
C ILE B 177 12.63 -0.46 -22.17
N LYS B 178 13.79 -0.35 -22.81
CA LYS B 178 14.59 -1.51 -23.15
C LYS B 178 15.36 -2.02 -21.93
N THR B 179 15.36 -3.33 -21.73
CA THR B 179 16.17 -3.92 -20.69
C THR B 179 16.70 -5.26 -21.20
N THR B 180 17.17 -6.09 -20.27
CA THR B 180 17.63 -7.44 -20.54
C THR B 180 16.88 -8.42 -19.67
N PHE B 181 16.85 -9.68 -20.11
CA PHE B 181 16.26 -10.74 -19.29
C PHE B 181 16.91 -10.76 -17.91
N LYS B 182 18.24 -10.68 -17.89
CA LYS B 182 19.00 -10.74 -16.64
C LYS B 182 18.56 -9.63 -15.68
N ASP B 183 18.55 -8.39 -16.16
CA ASP B 183 18.27 -7.28 -15.27
C ASP B 183 16.83 -7.28 -14.82
N GLU B 184 15.89 -7.63 -15.70
CA GLU B 184 14.49 -7.73 -15.28
C GLU B 184 14.33 -8.73 -14.17
N THR B 185 14.95 -9.90 -14.30
N THR B 185 14.89 -9.93 -14.37
CA THR B 185 14.63 -10.94 -13.33
CA THR B 185 14.79 -11.02 -13.40
C THR B 185 15.41 -10.76 -12.02
C THR B 185 15.37 -10.62 -12.07
N GLU B 186 16.66 -10.29 -12.08
CA GLU B 186 17.40 -10.10 -10.86
C GLU B 186 16.80 -8.98 -10.01
N THR B 187 16.42 -7.87 -10.65
CA THR B 187 15.77 -6.80 -9.91
C THR B 187 14.41 -7.22 -9.40
N ASP B 188 13.67 -8.00 -10.19
CA ASP B 188 12.35 -8.44 -9.75
C ASP B 188 12.46 -9.28 -8.49
N LEU B 189 13.30 -10.33 -8.55
N LEU B 189 13.28 -10.32 -8.55
CA LEU B 189 13.45 -11.23 -7.42
CA LEU B 189 13.42 -11.21 -7.40
C LEU B 189 13.99 -10.48 -6.21
C LEU B 189 13.96 -10.44 -6.20
N PHE B 190 14.92 -9.57 -6.43
CA PHE B 190 15.50 -8.82 -5.32
C PHE B 190 14.43 -7.97 -4.63
N GLY B 191 13.64 -7.26 -5.42
CA GLY B 191 12.60 -6.43 -4.85
C GLY B 191 11.53 -7.25 -4.14
N GLU B 192 11.14 -8.38 -4.72
CA GLU B 192 10.16 -9.24 -4.08
C GLU B 192 10.65 -9.71 -2.71
N GLN B 193 11.91 -10.10 -2.64
CA GLN B 193 12.43 -10.72 -1.43
C GLN B 193 12.70 -9.68 -0.35
N THR B 194 13.33 -8.57 -0.72
CA THR B 194 13.75 -7.61 0.30
C THR B 194 12.64 -6.66 0.72
N VAL B 195 11.68 -6.39 -0.16
CA VAL B 195 10.67 -5.38 0.09
C VAL B 195 9.23 -5.91 -0.07
N LEU B 196 8.87 -6.35 -1.27
CA LEU B 196 7.44 -6.52 -1.58
C LEU B 196 6.80 -7.64 -0.81
N CYS B 197 7.46 -8.80 -0.76
CA CYS B 197 6.88 -10.03 -0.25
C CYS B 197 7.63 -10.61 0.94
N GLY B 198 8.78 -10.04 1.29
CA GLY B 198 9.55 -10.44 2.45
C GLY B 198 9.62 -9.33 3.47
N GLY B 199 10.41 -8.30 3.15
CA GLY B 199 10.74 -7.30 4.15
C GLY B 199 9.54 -6.55 4.72
N THR B 200 8.63 -6.07 3.85
CA THR B 200 7.53 -5.26 4.37
C THR B 200 6.65 -6.09 5.31
N GLU B 201 6.37 -7.33 4.92
CA GLU B 201 5.51 -8.18 5.73
C GLU B 201 6.17 -8.50 7.07
N GLU B 202 7.47 -8.79 7.08
N GLU B 202 7.47 -8.77 7.07
CA GLU B 202 8.13 -9.07 8.34
CA GLU B 202 8.15 -9.08 8.31
C GLU B 202 8.18 -7.83 9.22
C GLU B 202 8.28 -7.84 9.20
N LEU B 203 8.36 -6.66 8.60
CA LEU B 203 8.34 -5.42 9.36
C LEU B 203 6.98 -5.23 10.04
N VAL B 204 5.90 -5.40 9.28
CA VAL B 204 4.54 -5.33 9.82
C VAL B 204 4.35 -6.33 10.95
N LYS B 205 4.77 -7.58 10.73
CA LYS B 205 4.61 -8.61 11.75
C LYS B 205 5.40 -8.27 13.01
N ALA B 206 6.63 -7.78 12.85
CA ALA B 206 7.46 -7.45 14.00
C ALA B 206 6.84 -6.31 14.80
N GLY B 207 6.33 -5.29 14.11
CA GLY B 207 5.71 -4.19 14.81
C GLY B 207 4.46 -4.63 15.55
N PHE B 208 3.64 -5.44 14.89
CA PHE B 208 2.46 -6.02 15.54
C PHE B 208 2.86 -6.76 16.82
N GLU B 209 3.87 -7.62 16.71
CA GLU B 209 4.32 -8.41 17.84
C GLU B 209 4.78 -7.55 18.99
N VAL B 210 5.58 -6.52 18.69
CA VAL B 210 6.04 -5.63 19.75
C VAL B 210 4.87 -5.03 20.51
N MET B 211 3.84 -4.58 19.79
CA MET B 211 2.71 -3.95 20.47
C MET B 211 1.96 -4.95 21.33
N VAL B 212 1.67 -6.15 20.81
N VAL B 212 1.63 -6.12 20.79
CA VAL B 212 0.86 -7.08 21.59
CA VAL B 212 0.88 -7.09 21.58
C VAL B 212 1.65 -7.69 22.74
C VAL B 212 1.68 -7.48 22.81
N GLU B 213 2.97 -7.78 22.61
CA GLU B 213 3.80 -8.23 23.72
C GLU B 213 3.91 -7.16 24.81
N ALA B 214 3.75 -5.89 24.45
CA ALA B 214 3.74 -4.79 25.41
C ALA B 214 2.37 -4.57 26.04
N GLY B 215 1.37 -5.36 25.67
CA GLY B 215 0.08 -5.34 26.30
C GLY B 215 -0.98 -4.54 25.59
N TYR B 216 -0.66 -3.95 24.45
CA TYR B 216 -1.66 -3.20 23.70
C TYR B 216 -2.62 -4.18 23.01
N PRO B 217 -3.86 -3.76 22.77
CA PRO B 217 -4.82 -4.65 22.10
C PRO B 217 -4.39 -4.99 20.68
N ALA B 218 -4.57 -6.25 20.32
CA ALA B 218 -4.29 -6.71 18.96
C ALA B 218 -5.05 -5.90 17.92
N GLU B 219 -6.24 -5.43 18.26
CA GLU B 219 -7.04 -4.68 17.29
C GLU B 219 -6.34 -3.38 16.91
N LEU B 220 -5.87 -2.64 17.92
CA LEU B 220 -5.16 -1.40 17.62
C LEU B 220 -3.87 -1.70 16.86
N ALA B 221 -3.17 -2.76 17.25
CA ALA B 221 -1.93 -3.11 16.57
C ALA B 221 -2.15 -3.34 15.07
N TYR B 222 -3.23 -4.07 14.73
CA TYR B 222 -3.54 -4.33 13.33
C TYR B 222 -3.72 -3.03 12.56
N PHE B 223 -4.51 -2.12 13.12
CA PHE B 223 -4.80 -0.87 12.42
C PHE B 223 -3.52 -0.07 12.19
N GLU B 224 -2.65 -0.01 13.19
CA GLU B 224 -1.59 0.98 13.22
C GLU B 224 -0.36 0.59 12.41
N VAL B 225 -0.21 -0.69 12.03
CA VAL B 225 0.88 -1.12 11.16
C VAL B 225 0.43 -1.72 9.84
N LEU B 226 -0.81 -2.17 9.69
N LEU B 226 -0.80 -2.21 9.71
CA LEU B 226 -1.20 -2.81 8.44
CA LEU B 226 -1.24 -2.87 8.49
C LEU B 226 -2.37 -2.10 7.75
C LEU B 226 -2.33 -2.06 7.80
N HIS B 227 -3.50 -1.91 8.43
CA HIS B 227 -4.62 -1.26 7.78
C HIS B 227 -4.21 0.11 7.23
N GLU B 228 -3.50 0.89 8.04
CA GLU B 228 -3.14 2.25 7.67
C GLU B 228 -2.01 2.33 6.65
N LEU B 229 -1.39 1.21 6.30
CA LEU B 229 -0.31 1.23 5.34
C LEU B 229 -0.80 1.50 3.91
N LYS B 230 -2.04 1.12 3.60
CA LYS B 230 -2.55 1.32 2.24
C LYS B 230 -2.56 2.79 1.86
N LEU B 231 -3.06 3.66 2.74
CA LEU B 231 -3.08 5.08 2.40
C LEU B 231 -1.68 5.58 2.09
N ILE B 232 -0.71 5.20 2.93
CA ILE B 232 0.69 5.60 2.75
C ILE B 232 1.22 5.17 1.39
N VAL B 233 1.06 3.90 1.07
CA VAL B 233 1.64 3.37 -0.16
C VAL B 233 0.91 3.92 -1.37
N ASP B 234 -0.40 4.13 -1.26
CA ASP B 234 -1.12 4.79 -2.36
C ASP B 234 -0.56 6.17 -2.63
N LEU B 235 -0.25 6.94 -1.59
CA LEU B 235 0.33 8.27 -1.77
C LEU B 235 1.70 8.20 -2.44
N MET B 236 2.55 7.25 -2.02
N MET B 236 2.54 7.24 -2.02
CA MET B 236 3.87 7.11 -2.65
CA MET B 236 3.86 7.07 -2.62
C MET B 236 3.73 6.68 -4.10
C MET B 236 3.76 6.64 -4.08
N TYR B 237 2.82 5.75 -4.39
CA TYR B 237 2.62 5.28 -5.75
C TYR B 237 2.27 6.43 -6.68
N GLU B 238 1.48 7.38 -6.19
CA GLU B 238 1.03 8.50 -7.00
C GLU B 238 2.02 9.66 -7.06
N GLY B 239 2.78 9.90 -5.99
CA GLY B 239 3.59 11.11 -5.89
C GLY B 239 4.89 10.96 -5.15
N GLY B 240 5.34 9.74 -4.95
CA GLY B 240 6.61 9.50 -4.30
C GLY B 240 6.60 9.78 -2.80
N LEU B 241 7.80 9.69 -2.23
N LEU B 241 7.81 9.73 -2.24
CA LEU B 241 7.97 9.99 -0.81
CA LEU B 241 7.96 9.97 -0.81
C LEU B 241 7.49 11.38 -0.48
C LEU B 241 7.57 11.39 -0.43
N ALA B 242 7.81 12.35 -1.34
CA ALA B 242 7.47 13.74 -1.05
C ALA B 242 5.98 13.93 -0.84
N ARG B 243 5.15 13.35 -1.73
CA ARG B 243 3.71 13.52 -1.59
C ARG B 243 3.21 12.89 -0.32
N MET B 244 3.67 11.70 0.00
CA MET B 244 3.22 11.03 1.20
C MET B 244 3.60 11.84 2.44
N TYR B 245 4.86 12.28 2.52
CA TYR B 245 5.28 12.99 3.72
C TYR B 245 4.55 14.33 3.87
N TYR B 246 4.24 14.99 2.75
CA TYR B 246 3.47 16.23 2.80
C TYR B 246 2.06 15.97 3.31
N SER B 247 1.50 14.80 3.02
N SER B 247 1.48 14.81 2.96
CA SER B 247 0.10 14.51 3.30
CA SER B 247 0.10 14.54 3.33
C SER B 247 -0.15 13.96 4.70
C SER B 247 -0.03 14.24 4.83
N VAL B 248 0.86 13.39 5.36
CA VAL B 248 0.70 12.91 6.74
C VAL B 248 0.97 14.04 7.72
N SER B 249 0.60 13.83 8.98
CA SER B 249 0.74 14.87 9.99
C SER B 249 2.20 15.15 10.31
N ASP B 250 2.46 16.32 10.89
CA ASP B 250 3.82 16.65 11.34
C ASP B 250 4.37 15.58 12.27
N THR B 251 3.55 15.08 13.18
CA THR B 251 4.03 14.07 14.13
C THR B 251 4.44 12.79 13.42
N ALA B 252 3.64 12.37 12.44
CA ALA B 252 3.95 11.17 11.68
C ALA B 252 5.20 11.37 10.82
N GLU B 253 5.31 12.55 10.19
CA GLU B 253 6.45 12.85 9.32
C GLU B 253 7.74 12.91 10.12
N PHE B 254 7.75 13.72 11.18
CA PHE B 254 8.93 13.84 12.02
C PHE B 254 9.31 12.49 12.63
N GLY B 255 8.32 11.76 13.15
CA GLY B 255 8.59 10.45 13.70
C GLY B 255 9.18 9.50 12.69
N GLY B 256 8.64 9.51 11.46
CA GLY B 256 9.19 8.65 10.44
C GLY B 256 10.63 9.00 10.09
N TYR B 257 10.92 10.29 9.95
CA TYR B 257 12.26 10.71 9.59
C TYR B 257 13.29 10.30 10.64
N LEU B 258 12.91 10.37 11.92
CA LEU B 258 13.85 10.02 12.99
C LEU B 258 13.95 8.53 13.20
N SER B 259 12.82 7.83 13.19
CA SER B 259 12.81 6.43 13.58
C SER B 259 13.05 5.46 12.43
N GLY B 260 12.67 5.83 11.21
CA GLY B 260 12.87 4.98 10.07
C GLY B 260 14.32 4.49 9.94
N PRO B 261 15.28 5.42 9.95
CA PRO B 261 16.69 5.01 9.80
C PRO B 261 17.26 4.29 11.00
N ARG B 262 16.57 4.29 12.12
CA ARG B 262 16.94 3.45 13.25
C ARG B 262 16.47 2.02 13.04
N VAL B 263 15.29 1.83 12.46
CA VAL B 263 14.76 0.49 12.19
C VAL B 263 15.51 -0.18 11.04
N ILE B 264 15.74 0.56 9.95
CA ILE B 264 16.38 0.06 8.74
C ILE B 264 17.69 0.82 8.57
N ASP B 265 18.81 0.10 8.59
CA ASP B 265 20.10 0.78 8.71
C ASP B 265 21.11 0.10 7.79
N ALA B 266 22.38 0.44 7.97
CA ALA B 266 23.42 -0.13 7.13
C ALA B 266 23.49 -1.65 7.28
N GLY B 267 23.23 -2.18 8.49
CA GLY B 267 23.19 -3.62 8.66
C GLY B 267 22.15 -4.28 7.77
N THR B 268 20.98 -3.65 7.67
CA THR B 268 19.92 -4.13 6.79
C THR B 268 20.41 -4.23 5.35
N LYS B 269 21.15 -3.20 4.88
CA LYS B 269 21.64 -3.20 3.51
C LYS B 269 22.62 -4.33 3.27
N GLU B 270 23.48 -4.63 4.25
CA GLU B 270 24.40 -5.75 4.05
C GLU B 270 23.63 -7.06 3.91
N ARG B 271 22.59 -7.26 4.72
CA ARG B 271 21.79 -8.46 4.55
C ARG B 271 21.09 -8.49 3.19
N MET B 272 20.63 -7.34 2.73
CA MET B 272 20.08 -7.25 1.37
C MET B 272 21.13 -7.62 0.33
N ARG B 273 22.38 -7.20 0.52
CA ARG B 273 23.43 -7.55 -0.43
C ARG B 273 23.66 -9.06 -0.48
N ASP B 274 23.54 -9.74 0.66
CA ASP B 274 23.67 -11.20 0.65
C ASP B 274 22.51 -11.84 -0.11
N ILE B 275 21.29 -11.34 0.11
CA ILE B 275 20.12 -11.83 -0.63
C ILE B 275 20.31 -11.65 -2.12
N LEU B 276 20.83 -10.48 -2.52
CA LEU B 276 21.09 -10.21 -3.94
C LEU B 276 22.09 -11.20 -4.52
N ARG B 277 23.18 -11.47 -3.79
CA ARG B 277 24.18 -12.41 -4.27
C ARG B 277 23.57 -13.78 -4.53
N GLU B 278 22.66 -14.23 -3.65
CA GLU B 278 22.04 -15.54 -3.80
C GLU B 278 21.03 -15.59 -4.94
N ILE B 279 20.52 -14.42 -5.36
CA ILE B 279 19.75 -14.33 -6.61
C ILE B 279 20.71 -14.42 -7.80
N GLN B 280 21.76 -13.61 -7.80
CA GLN B 280 22.68 -13.55 -8.94
C GLN B 280 23.37 -14.89 -9.19
N ASP B 281 23.71 -15.61 -8.13
CA ASP B 281 24.53 -16.81 -8.28
C ASP B 281 23.73 -18.05 -8.57
N GLY B 282 22.41 -17.94 -8.70
CA GLY B 282 21.54 -19.05 -9.05
C GLY B 282 21.13 -19.93 -7.89
N SER B 283 21.63 -19.69 -6.69
CA SER B 283 21.38 -20.63 -5.60
C SER B 283 19.94 -20.54 -5.09
N PHE B 284 19.37 -19.32 -4.99
CA PHE B 284 17.95 -19.22 -4.65
C PHE B 284 17.10 -19.98 -5.65
N VAL B 285 17.34 -19.77 -6.94
CA VAL B 285 16.50 -20.45 -7.94
C VAL B 285 16.70 -21.95 -7.85
N HIS B 286 17.93 -22.40 -7.61
CA HIS B 286 18.14 -23.83 -7.48
C HIS B 286 17.34 -24.40 -6.33
N LYS B 287 17.32 -23.69 -5.20
CA LYS B 287 16.57 -24.16 -4.04
C LYS B 287 15.08 -24.19 -4.33
N LEU B 288 14.58 -23.17 -5.01
CA LEU B 288 13.18 -23.13 -5.41
C LEU B 288 12.82 -24.32 -6.30
N VAL B 289 13.61 -24.56 -7.35
CA VAL B 289 13.32 -25.66 -8.27
C VAL B 289 13.35 -27.00 -7.54
N ALA B 290 14.33 -27.19 -6.65
CA ALA B 290 14.42 -28.43 -5.90
C ALA B 290 13.19 -28.61 -5.00
N ASP B 291 12.72 -27.52 -4.39
CA ASP B 291 11.54 -27.64 -3.53
C ASP B 291 10.31 -28.01 -4.35
N VAL B 292 10.16 -27.42 -5.53
CA VAL B 292 9.05 -27.77 -6.41
C VAL B 292 9.12 -29.25 -6.74
N GLU B 293 10.31 -29.74 -7.11
CA GLU B 293 10.46 -31.14 -7.48
C GLU B 293 10.07 -32.08 -6.34
N GLY B 294 10.32 -31.68 -5.10
CA GLY B 294 10.00 -32.49 -3.94
C GLY B 294 8.58 -32.41 -3.44
N GLY B 295 7.72 -31.61 -4.08
CA GLY B 295 6.34 -31.48 -3.67
C GLY B 295 6.01 -30.19 -2.96
N ASN B 296 6.86 -29.17 -3.08
CA ASN B 296 6.64 -27.88 -2.44
C ASN B 296 6.64 -27.97 -0.93
N LYS B 297 7.38 -28.89 -0.35
CA LYS B 297 7.27 -29.12 1.09
C LYS B 297 7.74 -27.92 1.90
N GLN B 298 8.87 -27.32 1.53
CA GLN B 298 9.35 -26.19 2.32
C GLN B 298 8.44 -24.98 2.13
N LEU B 299 8.01 -24.74 0.88
CA LEU B 299 7.08 -23.65 0.62
C LEU B 299 5.81 -23.82 1.43
N GLU B 300 5.25 -25.03 1.46
CA GLU B 300 4.00 -25.26 2.16
C GLU B 300 4.18 -25.11 3.67
N GLU B 301 5.33 -25.53 4.21
CA GLU B 301 5.57 -25.36 5.62
C GLU B 301 5.67 -23.90 6.01
N LEU B 302 6.42 -23.12 5.23
CA LEU B 302 6.56 -21.70 5.53
C LEU B 302 5.23 -20.98 5.30
N ARG B 303 4.44 -21.44 4.32
CA ARG B 303 3.12 -20.83 4.08
C ARG B 303 2.23 -21.01 5.29
N ARG B 304 2.23 -22.23 5.85
CA ARG B 304 1.42 -22.53 7.02
C ARG B 304 1.88 -21.72 8.21
N GLN B 305 3.20 -21.62 8.42
CA GLN B 305 3.70 -20.87 9.56
C GLN B 305 3.24 -19.41 9.50
N ASN B 306 3.37 -18.80 8.33
CA ASN B 306 2.95 -17.41 8.16
C ASN B 306 1.43 -17.27 8.32
N ALA B 307 0.66 -18.25 7.82
CA ALA B 307 -0.79 -18.14 7.90
C ALA B 307 -1.28 -18.17 9.33
N GLU B 308 -0.51 -18.75 10.25
CA GLU B 308 -0.85 -18.86 11.65
C GLU B 308 -0.43 -17.65 12.49
N HIS B 309 0.15 -16.62 11.88
CA HIS B 309 0.58 -15.48 12.67
C HIS B 309 -0.62 -14.78 13.33
N PRO B 310 -0.49 -14.28 14.56
CA PRO B 310 -1.63 -13.62 15.22
C PRO B 310 -2.20 -12.42 14.48
N ILE B 311 -1.45 -11.74 13.61
CA ILE B 311 -2.03 -10.62 12.88
C ILE B 311 -3.13 -11.11 11.96
N GLU B 312 -3.06 -12.36 11.51
CA GLU B 312 -4.09 -12.89 10.63
C GLU B 312 -5.37 -13.15 11.39
N VAL B 313 -5.28 -13.53 12.66
CA VAL B 313 -6.48 -13.78 13.46
C VAL B 313 -7.27 -12.50 13.63
N VAL B 314 -6.64 -11.47 14.17
CA VAL B 314 -7.36 -10.24 14.44
C VAL B 314 -7.74 -9.53 13.15
N GLY B 315 -6.92 -9.65 12.11
CA GLY B 315 -7.24 -9.00 10.86
C GLY B 315 -8.53 -9.50 10.24
N LYS B 316 -8.74 -10.82 10.26
CA LYS B 316 -9.98 -11.35 9.69
C LYS B 316 -11.19 -10.79 10.42
N LYS B 317 -11.09 -10.67 11.75
CA LYS B 317 -12.18 -10.13 12.55
C LYS B 317 -12.47 -8.67 12.17
N LEU B 318 -11.43 -7.87 12.06
CA LEU B 318 -11.63 -6.45 11.81
C LEU B 318 -12.05 -6.18 10.37
N ARG B 319 -11.49 -6.91 9.40
CA ARG B 319 -11.92 -6.67 8.03
C ARG B 319 -13.38 -7.04 7.84
N ASP B 320 -13.90 -7.94 8.67
CA ASP B 320 -15.31 -8.30 8.57
C ASP B 320 -16.21 -7.13 8.95
N LEU B 321 -15.69 -6.11 9.63
CA LEU B 321 -16.42 -4.89 9.98
C LEU B 321 -16.50 -3.87 8.85
N MET B 322 -15.70 -4.07 7.81
N MET B 322 -15.72 -4.04 7.78
CA MET B 322 -15.49 -3.09 6.75
CA MET B 322 -15.49 -2.96 6.82
C MET B 322 -16.24 -3.56 5.53
C MET B 322 -16.08 -3.35 5.45
N SER B 323 -17.29 -2.85 5.17
CA SER B 323 -18.06 -3.28 4.01
C SER B 323 -17.38 -2.97 2.69
N TRP B 324 -16.56 -1.92 2.66
CA TRP B 324 -15.93 -1.50 1.41
C TRP B 324 -14.76 -2.39 1.00
N VAL B 325 -14.28 -3.28 1.87
CA VAL B 325 -13.24 -4.23 1.48
C VAL B 325 -13.86 -5.58 1.15
MG MG C . -1.08 9.93 14.00
MG MG D . -16.23 27.68 -6.24
MG MG E . 20.09 6.57 4.19
MG MG F . -25.41 27.11 25.79
CL CL G . -8.17 11.91 7.55
MG MG H . 8.66 -7.24 -9.41
MG MG I . 0.56 -19.81 -5.29
MG MG J . -18.38 35.50 13.04
CL CL K . -0.95 6.32 -22.00
MG MG L . -1.95 5.41 13.01
MG MG M . 22.61 -12.81 -36.44
MG MG N . 8.19 -11.87 -10.12
MG MG O . -11.78 -24.60 -29.25
MG MG P . 23.24 -20.87 -12.75
MG MG Q . 13.88 -27.04 -33.58
NA NA R . 5.18 -23.06 -33.49
#